data_5I4J
#
_entry.id   5I4J
#
_cell.length_a   100.920
_cell.length_b   100.920
_cell.length_c   144.270
_cell.angle_alpha   90.000
_cell.angle_beta   90.000
_cell.angle_gamma   120.000
#
_symmetry.space_group_name_H-M   'P 63'
#
loop_
_entity.id
_entity.type
_entity.pdbx_description
1 polymer 'Ferritin, Dps family protein'
2 non-polymer 'ZINC ION'
3 non-polymer '4-(2-HYDROXYETHYL)-1-PIPERAZINE ETHANESULFONIC ACID'
4 water water
#
_entity_poly.entity_id   1
_entity_poly.type   'polypeptide(L)'
_entity_poly.pdbx_seq_one_letter_code
;TLLRNFGNVYDNPVLLDRSVTAPVTEGFNVVLASFQALYLQYQKHHFVVEGSEFYSLHEFFNESYNQVQDHIHEIGERLD
GLGGVPVATFSKLAELTCFEQESEGVYSSRQMVENDLAAEQAIIGVIRRQAAQAESLGDRGTRYLYEKILLKTEERAYHL
SHFLAKDSLTLGFVQAA
;
_entity_poly.pdbx_strand_id   A,B,C,D
#
loop_
_chem_comp.id
_chem_comp.type
_chem_comp.name
_chem_comp.formula
EPE non-polymer '4-(2-HYDROXYETHYL)-1-PIPERAZINE ETHANESULFONIC ACID' 'C8 H18 N2 O4 S'
ZN non-polymer 'ZINC ION' 'Zn 2'
#
# COMPACT_ATOMS: atom_id res chain seq x y z
N THR A 1 35.82 3.59 23.86
CA THR A 1 36.73 2.69 23.15
C THR A 1 36.04 2.06 21.94
N LEU A 2 36.44 2.45 20.73
CA LEU A 2 35.80 1.95 19.51
C LEU A 2 36.01 0.46 19.30
N LEU A 3 35.32 -0.09 18.31
CA LEU A 3 35.46 -1.51 17.95
C LEU A 3 35.43 -1.66 16.42
N ARG A 4 34.57 -0.88 15.77
CA ARG A 4 34.57 -0.75 14.31
C ARG A 4 34.63 0.72 13.89
N ASN A 5 35.42 1.03 12.87
CA ASN A 5 35.51 2.39 12.34
C ASN A 5 34.56 2.62 11.17
N PHE A 6 33.82 3.73 11.18
CA PHE A 6 33.04 4.08 9.99
C PHE A 6 33.97 4.20 8.78
N GLY A 7 33.58 3.59 7.67
CA GLY A 7 34.35 3.67 6.44
C GLY A 7 34.95 2.34 6.05
N ASN A 8 35.23 1.52 7.05
CA ASN A 8 35.82 0.20 6.84
C ASN A 8 34.76 -0.89 6.90
N VAL A 9 34.97 -1.96 6.14
CA VAL A 9 34.11 -3.12 6.16
C VAL A 9 34.80 -4.20 7.01
N TYR A 10 34.02 -5.07 7.66
CA TYR A 10 34.57 -6.05 8.61
C TYR A 10 34.11 -7.45 8.25
N ASP A 11 34.30 -8.41 9.15
CA ASP A 11 33.93 -9.79 8.89
C ASP A 11 32.41 -9.89 8.64
N ASN A 12 32.00 -10.75 7.71
CA ASN A 12 30.59 -11.09 7.57
C ASN A 12 30.44 -12.60 7.59
N PRO A 13 29.29 -13.09 8.06
CA PRO A 13 29.10 -14.53 8.22
C PRO A 13 28.47 -15.21 7.00
N VAL A 14 28.39 -14.50 5.88
CA VAL A 14 27.63 -15.07 4.77
C VAL A 14 28.42 -15.22 3.48
N LEU A 15 29.72 -15.49 3.62
CA LEU A 15 30.57 -15.97 2.53
C LEU A 15 30.64 -15.04 1.34
N LEU A 16 30.37 -13.76 1.56
CA LEU A 16 30.54 -12.76 0.52
C LEU A 16 31.94 -12.16 0.62
N ASP A 17 32.64 -12.09 -0.50
CA ASP A 17 33.97 -11.51 -0.53
C ASP A 17 33.89 -10.04 -0.08
N ARG A 18 34.96 -9.54 0.52
CA ARG A 18 34.94 -8.16 1.03
C ARG A 18 34.96 -7.14 -0.11
N SER A 19 35.35 -7.58 -1.30
CA SER A 19 35.29 -6.72 -2.47
C SER A 19 33.84 -6.52 -2.91
N VAL A 20 32.96 -7.40 -2.42
CA VAL A 20 31.54 -7.27 -2.66
C VAL A 20 30.89 -6.44 -1.57
N THR A 21 31.09 -6.84 -0.31
CA THR A 21 30.46 -6.16 0.83
C THR A 21 30.82 -4.67 0.96
N ALA A 22 32.03 -4.27 0.54
CA ALA A 22 32.42 -2.87 0.72
C ALA A 22 31.62 -1.90 -0.17
N PRO A 23 31.57 -2.12 -1.50
CA PRO A 23 30.69 -1.20 -2.25
C PRO A 23 29.20 -1.39 -1.96
N VAL A 24 28.77 -2.61 -1.66
CA VAL A 24 27.37 -2.86 -1.34
C VAL A 24 26.93 -2.07 -0.10
N THR A 25 27.80 -1.97 0.90
CA THR A 25 27.48 -1.23 2.11
C THR A 25 27.66 0.27 1.95
N GLU A 26 28.57 0.67 1.08
CA GLU A 26 28.69 2.09 0.77
C GLU A 26 27.37 2.55 0.20
N GLY A 27 26.88 1.78 -0.77
CA GLY A 27 25.59 2.05 -1.38
C GLY A 27 24.47 1.95 -0.38
N PHE A 28 24.60 1.05 0.58
CA PHE A 28 23.60 0.96 1.64
C PHE A 28 23.54 2.26 2.43
N ASN A 29 24.69 2.73 2.88
CA ASN A 29 24.71 3.94 3.69
C ASN A 29 24.21 5.17 2.92
N VAL A 30 24.36 5.15 1.60
CA VAL A 30 23.81 6.23 0.80
C VAL A 30 22.27 6.09 0.76
N VAL A 31 21.80 4.90 0.46
CA VAL A 31 20.38 4.62 0.52
C VAL A 31 19.82 4.87 1.92
N LEU A 32 20.54 4.43 2.94
CA LEU A 32 20.12 4.59 4.33
C LEU A 32 19.99 6.07 4.70
N ALA A 33 21.01 6.85 4.35
CA ALA A 33 21.02 8.28 4.68
C ALA A 33 19.92 9.00 3.92
N SER A 34 19.68 8.57 2.68
CA SER A 34 18.67 9.22 1.85
C SER A 34 17.27 8.93 2.36
N PHE A 35 17.05 7.69 2.80
CA PHE A 35 15.77 7.34 3.40
C PHE A 35 15.55 8.02 4.76
N GLN A 36 16.64 8.36 5.45
CA GLN A 36 16.49 9.09 6.72
C GLN A 36 16.01 10.51 6.43
N ALA A 37 16.64 11.14 5.44
CA ALA A 37 16.22 12.47 5.00
C ALA A 37 14.75 12.47 4.54
N LEU A 38 14.37 11.46 3.75
CA LEU A 38 13.00 11.36 3.25
C LEU A 38 12.02 11.15 4.39
N TYR A 39 12.38 10.28 5.34
CA TYR A 39 11.55 10.02 6.52
C TYR A 39 11.25 11.28 7.30
N LEU A 40 12.29 12.09 7.53
CA LEU A 40 12.15 13.34 8.26
C LEU A 40 11.25 14.33 7.51
N GLN A 41 11.46 14.37 6.20
CA GLN A 41 10.76 15.30 5.33
C GLN A 41 9.30 14.91 5.23
N TYR A 42 9.03 13.61 5.18
CA TYR A 42 7.65 13.14 5.20
C TYR A 42 6.96 13.50 6.52
N GLN A 43 7.72 13.31 7.61
CA GLN A 43 7.26 13.47 8.98
C GLN A 43 6.84 14.94 9.15
N LYS A 44 7.78 15.80 8.74
CA LYS A 44 7.61 17.23 8.72
C LYS A 44 6.31 17.57 7.96
N HIS A 45 6.18 17.01 6.77
CA HIS A 45 4.99 17.20 5.95
C HIS A 45 3.72 16.73 6.66
N HIS A 46 3.81 15.59 7.34
CA HIS A 46 2.73 15.13 8.19
C HIS A 46 2.37 16.18 9.23
N PHE A 47 3.39 16.74 9.89
CA PHE A 47 3.20 17.72 10.94
C PHE A 47 2.56 19.01 10.42
N VAL A 48 2.97 19.46 9.23
CA VAL A 48 2.68 20.84 8.84
C VAL A 48 1.60 21.03 7.78
N VAL A 49 1.25 19.97 7.04
CA VAL A 49 0.35 20.11 5.89
C VAL A 49 -0.99 20.72 6.30
N GLU A 50 -1.48 21.63 5.46
CA GLU A 50 -2.77 22.30 5.68
C GLU A 50 -3.56 22.46 4.38
N GLY A 51 -4.79 22.93 4.50
CA GLY A 51 -5.61 23.17 3.32
C GLY A 51 -6.73 22.16 3.12
N SER A 52 -7.47 22.29 2.02
CA SER A 52 -8.70 21.52 1.84
C SER A 52 -8.45 19.99 1.73
N GLU A 53 -7.23 19.63 1.36
CA GLU A 53 -6.84 18.23 1.23
C GLU A 53 -5.98 17.75 2.40
N PHE A 54 -5.91 18.60 3.42
CA PHE A 54 -5.18 18.32 4.65
C PHE A 54 -5.35 16.88 5.10
N TYR A 55 -6.58 16.45 5.33
CA TYR A 55 -6.82 15.13 5.92
C TYR A 55 -6.18 14.01 5.08
N SER A 56 -6.41 14.03 3.77
CA SER A 56 -5.88 13.01 2.85
C SER A 56 -4.35 12.98 2.85
N LEU A 57 -3.75 14.15 2.68
CA LEU A 57 -2.31 14.29 2.61
C LEU A 57 -1.64 13.91 3.94
N HIS A 58 -2.26 14.35 5.03
CA HIS A 58 -1.75 14.13 6.37
C HIS A 58 -1.70 12.64 6.73
N GLU A 59 -2.62 11.82 6.21
CA GLU A 59 -2.55 10.39 6.47
C GLU A 59 -1.73 9.69 5.40
N PHE A 60 -1.69 10.27 4.21
CA PHE A 60 -0.81 9.72 3.20
C PHE A 60 0.66 9.84 3.63
N PHE A 61 1.01 11.01 4.19
CA PHE A 61 2.37 11.27 4.65
C PHE A 61 2.78 10.31 5.74
N ASN A 62 1.84 10.05 6.66
CA ASN A 62 2.09 9.12 7.74
C ASN A 62 2.26 7.69 7.26
N GLU A 63 1.44 7.27 6.30
CA GLU A 63 1.64 5.95 5.73
C GLU A 63 3.01 5.93 5.06
N SER A 64 3.37 7.04 4.42
CA SER A 64 4.60 7.07 3.64
C SER A 64 5.85 6.95 4.51
N TYR A 65 5.94 7.76 5.57
CA TYR A 65 7.17 7.73 6.36
C TYR A 65 7.28 6.45 7.20
N ASN A 66 6.13 5.84 7.51
CA ASN A 66 6.10 4.52 8.13
C ASN A 66 6.69 3.47 7.19
N GLN A 67 6.34 3.56 5.92
CA GLN A 67 6.80 2.58 4.96
C GLN A 67 8.29 2.79 4.66
N VAL A 68 8.74 4.03 4.84
CA VAL A 68 10.12 4.39 4.63
C VAL A 68 10.94 3.94 5.83
N GLN A 69 10.35 4.06 7.01
CA GLN A 69 10.93 3.55 8.23
C GLN A 69 11.21 2.04 8.11
N ASP A 70 10.30 1.33 7.45
CA ASP A 70 10.46 -0.10 7.22
C ASP A 70 11.69 -0.40 6.36
N HIS A 71 11.89 0.40 5.31
CA HIS A 71 13.05 0.27 4.44
C HIS A 71 14.36 0.46 5.24
N ILE A 72 14.36 1.52 6.05
CA ILE A 72 15.49 1.90 6.85
C ILE A 72 15.92 0.75 7.76
N HIS A 73 14.93 -0.01 8.19
CA HIS A 73 15.15 -1.09 9.12
C HIS A 73 15.84 -2.24 8.43
N GLU A 74 15.31 -2.65 7.29
CA GLU A 74 15.86 -3.77 6.55
C GLU A 74 17.29 -3.47 6.07
N ILE A 75 17.52 -2.23 5.69
CA ILE A 75 18.78 -1.84 5.09
C ILE A 75 19.88 -1.79 6.16
N GLY A 76 19.60 -1.15 7.29
CA GLY A 76 20.55 -1.07 8.38
C GLY A 76 20.95 -2.45 8.91
N GLU A 77 19.96 -3.33 9.05
CA GLU A 77 20.27 -4.65 9.57
C GLU A 77 21.14 -5.46 8.59
N ARG A 78 20.84 -5.38 7.31
CA ARG A 78 21.64 -6.10 6.34
C ARG A 78 23.04 -5.46 6.21
N LEU A 79 23.06 -4.13 6.15
CA LEU A 79 24.28 -3.34 6.13
C LEU A 79 25.23 -3.85 7.20
N ASP A 80 24.80 -3.78 8.45
CA ASP A 80 25.61 -4.22 9.57
C ASP A 80 25.87 -5.72 9.49
N GLY A 81 24.86 -6.47 9.06
CA GLY A 81 25.01 -7.90 8.93
C GLY A 81 26.11 -8.24 7.96
N LEU A 82 26.26 -7.43 6.93
CA LEU A 82 27.29 -7.65 5.92
C LEU A 82 28.65 -7.10 6.36
N GLY A 83 28.75 -6.64 7.61
CA GLY A 83 30.02 -6.16 8.14
C GLY A 83 30.24 -4.66 7.98
N GLY A 84 29.23 -3.95 7.50
CA GLY A 84 29.32 -2.51 7.35
C GLY A 84 29.01 -1.78 8.63
N VAL A 85 29.22 -0.46 8.61
CA VAL A 85 28.90 0.41 9.73
C VAL A 85 27.85 1.43 9.28
N PRO A 86 26.62 1.32 9.80
CA PRO A 86 25.57 2.25 9.35
C PRO A 86 25.80 3.69 9.81
N VAL A 87 25.58 4.62 8.89
CA VAL A 87 25.60 6.04 9.22
C VAL A 87 24.54 6.34 10.28
N ALA A 88 24.79 7.30 11.17
CA ALA A 88 23.77 7.65 12.16
C ALA A 88 23.85 9.09 12.69
N THR A 89 24.94 9.80 12.43
CA THR A 89 25.05 11.18 12.90
C THR A 89 24.48 12.16 11.88
N PHE A 90 23.91 13.25 12.39
CA PHE A 90 23.29 14.28 11.55
C PHE A 90 24.21 14.76 10.46
N SER A 91 25.47 15.01 10.82
CA SER A 91 26.41 15.60 9.89
C SER A 91 26.74 14.66 8.74
N LYS A 92 26.88 13.37 9.04
CA LYS A 92 27.26 12.42 8.00
C LYS A 92 26.06 12.07 7.11
N LEU A 93 24.87 11.97 7.72
CA LEU A 93 23.64 11.71 6.97
C LEU A 93 23.45 12.80 5.91
N ALA A 94 23.68 14.05 6.33
CA ALA A 94 23.67 15.20 5.44
C ALA A 94 24.56 15.03 4.19
N GLU A 95 25.75 14.47 4.34
CA GLU A 95 26.63 14.40 3.17
C GLU A 95 26.39 13.15 2.30
N LEU A 96 25.71 12.14 2.84
CA LEU A 96 25.52 10.92 2.09
C LEU A 96 24.18 10.83 1.34
N THR A 97 23.22 11.68 1.74
CA THR A 97 21.89 11.62 1.15
C THR A 97 21.88 12.10 -0.30
N CYS A 98 21.17 11.37 -1.16
CA CYS A 98 21.23 11.62 -2.60
C CYS A 98 20.31 12.75 -3.09
N PHE A 99 19.77 13.54 -2.16
CA PHE A 99 18.92 14.68 -2.50
C PHE A 99 18.90 15.69 -1.35
N GLU A 100 18.79 16.98 -1.67
CA GLU A 100 18.82 18.00 -0.63
C GLU A 100 17.47 18.15 0.02
N GLN A 101 17.46 18.16 1.35
CA GLN A 101 16.22 18.26 2.11
C GLN A 101 15.50 19.55 1.76
N GLU A 102 14.18 19.53 1.89
CA GLU A 102 13.43 20.76 1.84
C GLU A 102 13.96 21.70 2.92
N SER A 103 14.01 23.00 2.66
CA SER A 103 14.45 23.94 3.67
C SER A 103 13.50 24.01 4.86
N GLU A 104 13.95 24.58 5.96
CA GLU A 104 13.07 24.74 7.12
C GLU A 104 12.00 25.75 6.78
N GLY A 105 10.97 25.79 7.62
CA GLY A 105 9.79 26.57 7.31
C GLY A 105 8.75 25.69 6.65
N VAL A 106 7.55 26.23 6.46
CA VAL A 106 6.48 25.46 5.85
C VAL A 106 6.23 25.94 4.43
N TYR A 107 6.10 25.00 3.52
CA TYR A 107 5.69 25.30 2.16
C TYR A 107 4.23 24.92 1.93
N SER A 108 3.75 25.11 0.70
CA SER A 108 2.39 24.71 0.34
C SER A 108 2.28 23.21 0.04
N SER A 109 1.04 22.72 0.02
CA SER A 109 0.76 21.31 -0.29
C SER A 109 1.28 20.86 -1.64
N ARG A 110 1.05 21.64 -2.69
CA ARG A 110 1.55 21.27 -4.00
C ARG A 110 3.09 21.25 -3.95
N GLN A 111 3.67 22.11 -3.13
CA GLN A 111 5.10 22.19 -3.01
C GLN A 111 5.68 21.00 -2.26
N MET A 112 5.04 20.67 -1.14
CA MET A 112 5.53 19.58 -0.31
C MET A 112 5.52 18.28 -1.09
N VAL A 113 4.44 18.06 -1.84
CA VAL A 113 4.29 16.83 -2.61
C VAL A 113 5.31 16.77 -3.74
N GLU A 114 5.56 17.90 -4.41
CA GLU A 114 6.60 17.94 -5.45
C GLU A 114 7.99 17.59 -4.89
N ASN A 115 8.38 18.24 -3.78
CA ASN A 115 9.61 17.89 -3.04
C ASN A 115 9.74 16.39 -2.77
N ASP A 116 8.68 15.79 -2.24
CA ASP A 116 8.73 14.36 -1.96
C ASP A 116 8.83 13.53 -3.24
N LEU A 117 8.12 13.90 -4.28
CA LEU A 117 8.28 13.23 -5.57
C LEU A 117 9.73 13.34 -6.09
N ALA A 118 10.33 14.52 -5.99
CA ALA A 118 11.72 14.68 -6.42
C ALA A 118 12.65 13.78 -5.60
N ALA A 119 12.37 13.70 -4.30
CA ALA A 119 13.18 12.91 -3.38
C ALA A 119 13.12 11.41 -3.67
N GLU A 120 11.91 10.90 -3.85
CA GLU A 120 11.71 9.50 -4.20
C GLU A 120 12.41 9.20 -5.52
N GLN A 121 12.33 10.17 -6.44
CA GLN A 121 12.93 10.01 -7.75
C GLN A 121 14.45 9.83 -7.69
N ALA A 122 15.12 10.72 -6.96
CA ALA A 122 16.56 10.60 -6.73
C ALA A 122 16.95 9.23 -6.14
N ILE A 123 16.11 8.72 -5.25
CA ILE A 123 16.34 7.43 -4.58
C ILE A 123 16.10 6.24 -5.50
N ILE A 124 15.11 6.37 -6.38
CA ILE A 124 14.88 5.36 -7.41
C ILE A 124 16.14 5.24 -8.27
N GLY A 125 16.78 6.37 -8.51
CA GLY A 125 18.04 6.41 -9.25
C GLY A 125 19.14 5.59 -8.59
N VAL A 126 19.36 5.83 -7.30
CA VAL A 126 20.37 5.10 -6.55
C VAL A 126 20.07 3.60 -6.50
N ILE A 127 18.86 3.24 -6.08
CA ILE A 127 18.49 1.84 -5.90
C ILE A 127 18.66 1.01 -7.18
N ARG A 128 18.34 1.58 -8.33
CA ARG A 128 18.61 0.89 -9.58
C ARG A 128 20.11 0.69 -9.78
N ARG A 129 20.90 1.72 -9.53
CA ARG A 129 22.35 1.59 -9.66
C ARG A 129 22.86 0.52 -8.71
N GLN A 130 22.49 0.63 -7.44
CA GLN A 130 22.98 -0.29 -6.43
C GLN A 130 22.50 -1.72 -6.69
N ALA A 131 21.28 -1.87 -7.22
CA ALA A 131 20.73 -3.20 -7.52
C ALA A 131 21.50 -3.85 -8.65
N ALA A 132 21.84 -3.06 -9.67
CA ALA A 132 22.69 -3.52 -10.76
C ALA A 132 24.06 -4.00 -10.26
N GLN A 133 24.66 -3.19 -9.37
CA GLN A 133 25.94 -3.51 -8.74
C GLN A 133 25.86 -4.85 -8.04
N ALA A 134 24.87 -5.02 -7.17
CA ALA A 134 24.73 -6.26 -6.41
C ALA A 134 24.56 -7.46 -7.35
N GLU A 135 23.71 -7.34 -8.37
CA GLU A 135 23.53 -8.42 -9.34
C GLU A 135 24.88 -8.79 -9.96
N SER A 136 25.62 -7.75 -10.34
CA SER A 136 26.92 -7.89 -10.97
C SER A 136 27.93 -8.61 -10.08
N LEU A 137 28.01 -8.19 -8.82
CA LEU A 137 28.97 -8.74 -7.86
C LEU A 137 28.51 -10.07 -7.25
N GLY A 138 27.37 -10.57 -7.68
CA GLY A 138 26.86 -11.86 -7.23
C GLY A 138 26.18 -11.89 -5.87
N ASP A 139 25.68 -10.74 -5.39
CA ASP A 139 25.01 -10.67 -4.07
C ASP A 139 23.49 -10.65 -4.24
N ARG A 140 22.92 -11.83 -4.49
CA ARG A 140 21.49 -11.97 -4.76
C ARG A 140 20.61 -11.35 -3.69
N GLY A 141 20.95 -11.64 -2.43
CA GLY A 141 20.17 -11.15 -1.30
C GLY A 141 19.94 -9.66 -1.44
N THR A 142 21.03 -8.93 -1.58
CA THR A 142 20.96 -7.49 -1.62
C THR A 142 20.18 -7.07 -2.84
N ARG A 143 20.37 -7.74 -3.96
CA ARG A 143 19.62 -7.42 -5.18
C ARG A 143 18.10 -7.60 -4.97
N TYR A 144 17.73 -8.75 -4.43
CA TYR A 144 16.35 -9.05 -4.11
C TYR A 144 15.73 -7.99 -3.19
N LEU A 145 16.47 -7.63 -2.15
CA LEU A 145 15.99 -6.67 -1.16
C LEU A 145 15.82 -5.29 -1.79
N TYR A 146 16.72 -4.94 -2.70
CA TYR A 146 16.62 -3.63 -3.33
C TYR A 146 15.36 -3.56 -4.20
N GLU A 147 14.96 -4.71 -4.73
CA GLU A 147 13.81 -4.75 -5.62
C GLU A 147 12.48 -4.68 -4.86
N LYS A 148 12.35 -5.43 -3.77
CA LYS A 148 11.24 -5.20 -2.85
C LYS A 148 11.08 -3.71 -2.57
N ILE A 149 12.19 -3.06 -2.22
CA ILE A 149 12.14 -1.65 -1.85
C ILE A 149 11.84 -0.76 -3.06
N LEU A 150 12.42 -1.09 -4.21
CA LEU A 150 12.17 -0.34 -5.44
C LEU A 150 10.68 -0.32 -5.79
N LEU A 151 10.05 -1.49 -5.67
CA LEU A 151 8.63 -1.63 -5.98
C LEU A 151 7.78 -0.67 -5.13
N LYS A 152 7.95 -0.72 -3.81
CA LYS A 152 7.21 0.17 -2.95
C LYS A 152 7.53 1.63 -3.24
N THR A 153 8.79 1.90 -3.58
CA THR A 153 9.26 3.26 -3.72
C THR A 153 8.77 3.82 -5.05
N GLU A 154 8.66 2.96 -6.06
CA GLU A 154 8.08 3.38 -7.31
C GLU A 154 6.60 3.65 -7.09
N GLU A 155 5.97 2.82 -6.26
CA GLU A 155 4.54 2.97 -5.99
C GLU A 155 4.24 4.25 -5.20
N ARG A 156 5.14 4.63 -4.30
CA ARG A 156 4.98 5.90 -3.60
C ARG A 156 5.11 7.06 -4.60
N ALA A 157 5.87 6.85 -5.68
CA ALA A 157 6.06 7.90 -6.67
C ALA A 157 4.81 8.09 -7.55
N TYR A 158 4.10 7.01 -7.90
CA TYR A 158 2.80 7.11 -8.57
C TYR A 158 1.88 7.98 -7.77
N HIS A 159 1.79 7.62 -6.50
CA HIS A 159 0.81 8.22 -5.63
C HIS A 159 1.10 9.70 -5.44
N LEU A 160 2.37 10.06 -5.34
CA LEU A 160 2.71 11.48 -5.30
C LEU A 160 2.35 12.16 -6.62
N SER A 161 2.62 11.46 -7.72
CA SER A 161 2.31 11.95 -9.05
C SER A 161 0.80 12.22 -9.23
N HIS A 162 -0.02 11.25 -8.80
CA HIS A 162 -1.46 11.40 -8.89
C HIS A 162 -1.98 12.60 -8.09
N PHE A 163 -1.39 12.87 -6.93
CA PHE A 163 -1.80 14.03 -6.15
C PHE A 163 -1.61 15.31 -6.96
N LEU A 164 -0.52 15.35 -7.73
CA LEU A 164 -0.15 16.54 -8.47
C LEU A 164 -0.94 16.78 -9.77
N ALA A 165 -1.59 15.73 -10.28
CA ALA A 165 -2.33 15.82 -11.54
C ALA A 165 -3.35 16.96 -11.57
N LYS A 166 -3.31 17.72 -12.65
CA LYS A 166 -4.19 18.87 -12.79
C LYS A 166 -5.63 18.44 -13.13
N ASP A 167 -6.30 17.85 -12.14
CA ASP A 167 -7.71 17.43 -12.22
C ASP A 167 -8.32 17.52 -10.82
N SER A 168 -9.62 17.80 -10.75
CA SER A 168 -10.27 17.89 -9.46
C SER A 168 -11.76 17.78 -9.70
N LEU A 169 -12.51 17.39 -8.67
CA LEU A 169 -13.95 17.43 -8.74
C LEU A 169 -14.43 18.87 -8.74
N THR A 170 -13.58 19.76 -8.21
CA THR A 170 -13.95 21.17 -8.06
C THR A 170 -14.00 21.90 -9.41
N LEU A 171 -13.41 21.32 -10.45
CA LEU A 171 -13.40 21.92 -11.79
C LEU A 171 -14.80 22.08 -12.38
N GLY A 172 -15.76 21.36 -11.81
CA GLY A 172 -17.14 21.46 -12.28
C GLY A 172 -17.92 22.63 -11.72
N PHE A 173 -17.27 23.48 -10.92
CA PHE A 173 -17.94 24.69 -10.44
C PHE A 173 -16.98 25.80 -10.00
N VAL A 174 -15.68 25.60 -10.21
CA VAL A 174 -14.69 26.67 -10.01
C VAL A 174 -13.97 26.98 -11.33
N GLN A 175 -13.50 28.22 -11.46
CA GLN A 175 -12.91 28.68 -12.72
C GLN A 175 -11.46 28.23 -12.88
N ALA A 176 -11.16 27.60 -14.02
CA ALA A 176 -9.83 27.07 -14.26
C ALA A 176 -8.79 28.16 -14.59
N ALA A 177 -7.53 27.75 -14.70
CA ALA A 177 -6.44 28.59 -15.21
C ALA A 177 -6.29 29.92 -14.46
N THR B 1 8.78 29.21 -2.30
CA THR B 1 7.86 30.22 -1.77
C THR B 1 7.17 29.73 -0.49
N LEU B 2 7.65 30.22 0.64
CA LEU B 2 7.20 29.74 1.94
C LEU B 2 5.79 30.18 2.30
N LEU B 3 5.25 29.58 3.35
CA LEU B 3 3.99 30.02 3.96
C LEU B 3 4.28 30.46 5.38
N ARG B 4 5.27 29.82 5.98
CA ARG B 4 5.70 30.12 7.35
C ARG B 4 7.22 30.06 7.45
N ASN B 5 7.83 31.03 8.13
CA ASN B 5 9.27 31.01 8.36
C ASN B 5 9.67 30.30 9.64
N PHE B 6 10.65 29.41 9.56
CA PHE B 6 11.19 28.83 10.76
C PHE B 6 11.62 29.95 11.67
N GLY B 7 11.34 29.82 12.96
CA GLY B 7 11.77 30.83 13.91
C GLY B 7 10.69 31.83 14.26
N ASN B 8 9.64 31.85 13.46
CA ASN B 8 8.46 32.61 13.85
C ASN B 8 7.42 31.69 14.45
N VAL B 9 6.63 32.24 15.37
CA VAL B 9 5.44 31.55 15.85
C VAL B 9 4.25 32.28 15.25
N TYR B 10 3.28 31.50 14.74
CA TYR B 10 2.13 32.05 14.04
C TYR B 10 0.86 31.91 14.86
N ASP B 11 -0.30 32.03 14.22
CA ASP B 11 -1.57 31.99 14.95
C ASP B 11 -1.98 30.56 15.30
N ASN B 12 -2.67 30.43 16.43
CA ASN B 12 -3.14 29.13 16.92
C ASN B 12 -4.62 29.15 17.17
N PRO B 13 -5.27 27.98 17.04
CA PRO B 13 -6.71 27.89 17.30
C PRO B 13 -7.05 27.50 18.73
N VAL B 14 -6.13 27.59 19.69
CA VAL B 14 -6.46 27.13 21.04
C VAL B 14 -6.44 28.21 22.08
N LEU B 15 -6.63 29.45 21.65
CA LEU B 15 -6.80 30.57 22.58
C LEU B 15 -5.58 30.83 23.49
N LEU B 16 -4.38 30.61 22.97
CA LEU B 16 -3.17 30.89 23.77
C LEU B 16 -2.43 32.14 23.26
N ASP B 17 -2.12 33.04 24.18
CA ASP B 17 -1.33 34.24 23.90
C ASP B 17 0.03 33.81 23.30
N ARG B 18 0.56 34.57 22.35
CA ARG B 18 1.86 34.23 21.76
C ARG B 18 3.03 34.40 22.72
N SER B 19 2.81 35.09 23.84
CA SER B 19 3.82 35.17 24.89
C SER B 19 3.92 33.80 25.57
N VAL B 20 2.95 32.94 25.27
CA VAL B 20 2.94 31.56 25.74
C VAL B 20 3.39 30.61 24.65
N THR B 21 2.89 30.75 23.43
CA THR B 21 3.21 29.76 22.39
C THR B 21 4.62 29.94 21.85
N ALA B 22 5.15 31.15 21.93
CA ALA B 22 6.52 31.36 21.43
C ALA B 22 7.56 30.59 22.26
N PRO B 23 7.62 30.80 23.60
CA PRO B 23 8.58 29.97 24.35
C PRO B 23 8.25 28.47 24.35
N VAL B 24 6.96 28.12 24.41
CA VAL B 24 6.55 26.73 24.45
C VAL B 24 7.06 25.97 23.22
N THR B 25 6.86 26.57 22.04
CA THR B 25 7.20 25.91 20.78
C THR B 25 8.69 25.94 20.49
N GLU B 26 9.38 26.97 20.99
CA GLU B 26 10.83 26.95 21.00
C GLU B 26 11.26 25.69 21.72
N GLY B 27 10.72 25.51 22.92
CA GLY B 27 11.03 24.34 23.72
C GLY B 27 10.75 23.01 23.02
N PHE B 28 9.54 22.87 22.49
CA PHE B 28 9.16 21.70 21.70
C PHE B 28 10.19 21.39 20.64
N ASN B 29 10.67 22.42 19.94
CA ASN B 29 11.62 22.19 18.86
C ASN B 29 12.97 21.67 19.37
N VAL B 30 13.38 22.06 20.58
CA VAL B 30 14.58 21.48 21.17
C VAL B 30 14.35 20.01 21.52
N VAL B 31 13.19 19.72 22.09
CA VAL B 31 12.88 18.34 22.46
C VAL B 31 12.68 17.43 21.24
N LEU B 32 12.08 17.97 20.18
CA LEU B 32 11.92 17.23 18.93
C LEU B 32 13.30 16.85 18.38
N ALA B 33 14.17 17.85 18.26
CA ALA B 33 15.56 17.64 17.83
C ALA B 33 16.20 16.54 18.65
N SER B 34 16.13 16.68 19.97
CA SER B 34 16.80 15.76 20.88
C SER B 34 16.28 14.33 20.74
N PHE B 35 14.97 14.18 20.63
CA PHE B 35 14.39 12.85 20.45
C PHE B 35 14.73 12.30 19.08
N GLN B 36 14.77 13.20 18.11
CA GLN B 36 15.08 12.82 16.75
C GLN B 36 16.50 12.23 16.71
N ALA B 37 17.42 12.84 17.43
CA ALA B 37 18.79 12.33 17.53
C ALA B 37 18.82 11.03 18.32
N LEU B 38 17.96 10.94 19.33
CA LEU B 38 17.98 9.78 20.20
C LEU B 38 17.43 8.59 19.47
N TYR B 39 16.43 8.82 18.65
CA TYR B 39 15.87 7.80 17.79
C TYR B 39 16.94 7.19 16.87
N LEU B 40 17.68 8.04 16.17
CA LEU B 40 18.76 7.61 15.28
C LEU B 40 19.79 6.77 16.01
N GLN B 41 20.09 7.19 17.22
CA GLN B 41 21.09 6.53 18.04
C GLN B 41 20.58 5.19 18.56
N TYR B 42 19.35 5.20 19.06
CA TYR B 42 18.66 3.96 19.45
C TYR B 42 18.58 2.96 18.32
N GLN B 43 18.18 3.44 17.15
CA GLN B 43 18.08 2.60 15.98
C GLN B 43 19.45 2.06 15.56
N LYS B 44 20.47 2.92 15.60
CA LYS B 44 21.84 2.49 15.31
C LYS B 44 22.30 1.33 16.21
N HIS B 45 22.12 1.52 17.51
CA HIS B 45 22.47 0.50 18.47
C HIS B 45 21.78 -0.80 18.14
N HIS B 46 20.50 -0.69 17.79
CA HIS B 46 19.72 -1.83 17.30
C HIS B 46 20.36 -2.50 16.09
N PHE B 47 20.74 -1.70 15.10
CA PHE B 47 21.49 -2.20 13.95
C PHE B 47 22.80 -2.92 14.31
N VAL B 48 23.53 -2.44 15.32
CA VAL B 48 24.92 -2.93 15.46
C VAL B 48 25.27 -3.72 16.70
N VAL B 49 24.38 -3.75 17.70
CA VAL B 49 24.75 -4.35 18.97
C VAL B 49 24.97 -5.83 18.79
N GLU B 50 26.06 -6.34 19.37
CA GLU B 50 26.30 -7.77 19.34
C GLU B 50 26.82 -8.23 20.69
N GLY B 51 27.23 -9.49 20.77
CA GLY B 51 27.74 -10.06 22.01
C GLY B 51 26.76 -11.02 22.69
N SER B 52 27.04 -11.37 23.94
CA SER B 52 26.22 -12.37 24.64
C SER B 52 24.79 -11.92 24.83
N GLU B 53 24.62 -10.63 25.09
CA GLU B 53 23.33 -10.06 25.45
C GLU B 53 22.70 -9.44 24.23
N PHE B 54 23.29 -9.70 23.08
CA PHE B 54 22.82 -9.15 21.79
C PHE B 54 21.28 -9.24 21.61
N TYR B 55 20.70 -10.39 21.90
CA TYR B 55 19.27 -10.60 21.68
C TYR B 55 18.40 -9.71 22.57
N SER B 56 18.67 -9.71 23.87
CA SER B 56 17.93 -8.82 24.77
C SER B 56 18.08 -7.38 24.29
N LEU B 57 19.32 -6.96 24.04
CA LEU B 57 19.56 -5.56 23.70
C LEU B 57 18.97 -5.18 22.34
N HIS B 58 19.09 -6.07 21.37
CA HIS B 58 18.41 -5.95 20.08
C HIS B 58 16.94 -5.57 20.26
N GLU B 59 16.21 -6.42 20.99
CA GLU B 59 14.78 -6.23 21.25
C GLU B 59 14.57 -4.89 21.91
N PHE B 60 15.34 -4.64 22.96
CA PHE B 60 15.16 -3.46 23.78
C PHE B 60 15.39 -2.14 23.02
N PHE B 61 16.45 -2.09 22.21
CA PHE B 61 16.74 -0.90 21.39
C PHE B 61 15.62 -0.59 20.41
N ASN B 62 15.08 -1.66 19.83
CA ASN B 62 13.94 -1.58 18.95
C ASN B 62 12.74 -0.98 19.66
N GLU B 63 12.36 -1.56 20.80
CA GLU B 63 11.22 -1.06 21.53
C GLU B 63 11.47 0.41 21.88
N SER B 64 12.70 0.68 22.26
CA SER B 64 13.13 2.01 22.67
C SER B 64 12.97 3.08 21.62
N TYR B 65 13.33 2.78 20.39
CA TYR B 65 13.27 3.83 19.39
C TYR B 65 11.85 3.97 18.82
N ASN B 66 11.07 2.88 18.88
CA ASN B 66 9.65 2.95 18.56
C ASN B 66 8.95 3.88 19.54
N GLN B 67 9.13 3.61 20.82
CA GLN B 67 8.56 4.48 21.82
C GLN B 67 8.99 5.95 21.67
N VAL B 68 10.25 6.19 21.33
CA VAL B 68 10.75 7.56 21.14
C VAL B 68 10.06 8.19 19.90
N GLN B 69 9.78 7.35 18.91
CA GLN B 69 9.13 7.84 17.69
C GLN B 69 7.72 8.32 18.00
N ASP B 70 7.05 7.64 18.92
CA ASP B 70 5.75 8.06 19.39
C ASP B 70 5.81 9.45 20.04
N HIS B 71 6.81 9.67 20.91
CA HIS B 71 7.04 11.00 21.50
C HIS B 71 7.20 12.07 20.42
N ILE B 72 7.97 11.75 19.37
CA ILE B 72 8.28 12.72 18.33
C ILE B 72 6.99 13.15 17.61
N HIS B 73 6.13 12.18 17.37
CA HIS B 73 4.84 12.40 16.74
C HIS B 73 3.97 13.38 17.52
N GLU B 74 3.79 13.13 18.81
CA GLU B 74 2.94 13.97 19.64
C GLU B 74 3.45 15.40 19.71
N ILE B 75 4.76 15.57 19.82
CA ILE B 75 5.34 16.88 19.96
C ILE B 75 5.23 17.66 18.66
N GLY B 76 5.69 17.04 17.57
CA GLY B 76 5.63 17.64 16.25
C GLY B 76 4.27 18.22 15.90
N GLU B 77 3.20 17.47 16.18
CA GLU B 77 1.84 17.91 15.87
C GLU B 77 1.37 19.05 16.78
N ARG B 78 1.62 18.92 18.08
CA ARG B 78 1.27 19.99 18.99
C ARG B 78 2.16 21.22 18.79
N LEU B 79 3.40 21.00 18.34
CA LEU B 79 4.26 22.13 17.99
C LEU B 79 3.61 22.92 16.86
N ASP B 80 3.25 22.23 15.79
CA ASP B 80 2.58 22.85 14.66
C ASP B 80 1.18 23.35 15.09
N GLY B 81 0.48 22.56 15.90
CA GLY B 81 -0.82 22.95 16.43
C GLY B 81 -0.83 24.30 17.13
N LEU B 82 0.27 24.64 17.80
CA LEU B 82 0.35 25.90 18.51
C LEU B 82 0.92 27.01 17.63
N GLY B 83 0.96 26.77 16.32
CA GLY B 83 1.41 27.78 15.38
C GLY B 83 2.93 27.86 15.23
N GLY B 84 3.63 26.79 15.62
CA GLY B 84 5.07 26.73 15.45
C GLY B 84 5.49 26.07 14.14
N VAL B 85 6.78 26.14 13.84
CA VAL B 85 7.35 25.47 12.68
C VAL B 85 8.35 24.42 13.13
N PRO B 86 8.06 23.13 12.88
CA PRO B 86 8.94 22.07 13.38
C PRO B 86 10.20 21.90 12.55
N VAL B 87 11.30 21.68 13.25
CA VAL B 87 12.62 21.48 12.65
C VAL B 87 12.73 20.13 11.95
N ALA B 88 13.25 20.11 10.72
CA ALA B 88 13.43 18.82 10.07
C ALA B 88 14.73 18.67 9.28
N THR B 89 15.54 19.73 9.18
CA THR B 89 16.83 19.58 8.49
C THR B 89 17.94 19.06 9.41
N PHE B 90 18.77 18.20 8.84
CA PHE B 90 19.93 17.66 9.54
C PHE B 90 20.73 18.73 10.28
N SER B 91 20.99 19.83 9.58
CA SER B 91 21.81 20.90 10.13
C SER B 91 21.16 21.56 11.35
N LYS B 92 19.86 21.82 11.27
CA LYS B 92 19.18 22.51 12.35
C LYS B 92 18.90 21.55 13.52
N LEU B 93 18.81 20.26 13.22
CA LEU B 93 18.63 19.26 14.29
C LEU B 93 19.87 19.22 15.20
N ALA B 94 21.04 19.18 14.58
CA ALA B 94 22.31 19.16 15.30
C ALA B 94 22.47 20.36 16.24
N GLU B 95 22.08 21.53 15.75
CA GLU B 95 22.24 22.75 16.51
C GLU B 95 21.26 22.78 17.69
N LEU B 96 20.13 22.10 17.56
CA LEU B 96 19.09 22.20 18.57
C LEU B 96 19.03 21.04 19.56
N THR B 97 19.59 19.88 19.20
CA THR B 97 19.52 18.73 20.09
C THR B 97 20.20 19.09 21.40
N CYS B 98 19.69 18.58 22.52
CA CYS B 98 20.28 18.92 23.82
C CYS B 98 21.42 17.98 24.26
N PHE B 99 21.79 17.00 23.44
CA PHE B 99 22.95 16.14 23.75
C PHE B 99 23.72 15.84 22.48
N GLU B 100 25.00 15.51 22.61
CA GLU B 100 25.81 15.27 21.43
C GLU B 100 25.77 13.79 21.06
N GLN B 101 25.44 13.52 19.81
CA GLN B 101 25.26 12.16 19.32
C GLN B 101 26.50 11.30 19.50
N GLU B 102 26.30 10.00 19.70
CA GLU B 102 27.41 9.07 19.64
C GLU B 102 28.11 9.20 18.28
N SER B 103 29.44 9.13 18.26
CA SER B 103 30.20 9.26 17.01
C SER B 103 29.98 8.08 16.10
N GLU B 104 30.24 8.26 14.81
CA GLU B 104 30.18 7.16 13.86
C GLU B 104 31.16 6.05 14.25
N GLY B 105 30.81 4.81 13.91
CA GLY B 105 31.57 3.66 14.36
C GLY B 105 30.77 2.86 15.39
N VAL B 106 31.09 1.57 15.50
CA VAL B 106 30.47 0.74 16.51
C VAL B 106 31.25 0.80 17.82
N TYR B 107 30.56 1.12 18.91
CA TYR B 107 31.16 1.04 20.23
C TYR B 107 30.77 -0.25 20.92
N SER B 108 31.32 -0.50 22.11
CA SER B 108 30.93 -1.70 22.84
C SER B 108 29.47 -1.56 23.30
N SER B 109 28.88 -2.68 23.69
CA SER B 109 27.48 -2.67 24.05
C SER B 109 27.28 -1.89 25.35
N ARG B 110 28.24 -2.01 26.26
CA ARG B 110 28.21 -1.23 27.48
C ARG B 110 28.33 0.28 27.20
N GLN B 111 29.15 0.64 26.24
CA GLN B 111 29.30 2.05 25.88
C GLN B 111 28.03 2.56 25.23
N MET B 112 27.45 1.75 24.36
CA MET B 112 26.15 2.11 23.77
C MET B 112 25.10 2.35 24.83
N VAL B 113 24.98 1.44 25.78
CA VAL B 113 23.94 1.59 26.81
C VAL B 113 24.21 2.83 27.65
N GLU B 114 25.48 3.11 27.92
CA GLU B 114 25.89 4.28 28.71
C GLU B 114 25.58 5.57 27.96
N ASN B 115 25.86 5.56 26.66
CA ASN B 115 25.55 6.72 25.80
C ASN B 115 24.04 7.03 25.73
N ASP B 116 23.23 5.98 25.68
CA ASP B 116 21.77 6.14 25.64
C ASP B 116 21.28 6.68 26.98
N LEU B 117 21.82 6.15 28.07
CA LEU B 117 21.43 6.63 29.39
C LEU B 117 21.75 8.11 29.56
N ALA B 118 22.93 8.53 29.15
CA ALA B 118 23.26 9.95 29.26
C ALA B 118 22.36 10.77 28.35
N ALA B 119 22.03 10.23 27.18
CA ALA B 119 21.06 10.90 26.28
C ALA B 119 19.71 11.11 26.97
N GLU B 120 19.13 10.03 27.50
CA GLU B 120 17.87 10.15 28.23
C GLU B 120 17.92 11.16 29.36
N GLN B 121 19.04 11.23 30.06
CA GLN B 121 19.17 12.10 31.22
C GLN B 121 19.27 13.57 30.80
N ALA B 122 19.95 13.81 29.70
CA ALA B 122 19.96 15.11 29.08
C ALA B 122 18.52 15.53 28.69
N ILE B 123 17.77 14.61 28.12
CA ILE B 123 16.40 14.93 27.74
C ILE B 123 15.46 15.08 28.96
N ILE B 124 15.68 14.31 30.02
CA ILE B 124 14.86 14.43 31.23
C ILE B 124 14.95 15.84 31.83
N GLY B 125 16.17 16.37 31.89
CA GLY B 125 16.37 17.71 32.41
C GLY B 125 15.67 18.80 31.63
N VAL B 126 15.75 18.73 30.30
CA VAL B 126 15.05 19.66 29.42
C VAL B 126 13.51 19.59 29.59
N ILE B 127 12.96 18.37 29.66
CA ILE B 127 11.52 18.17 29.84
C ILE B 127 11.00 18.74 31.16
N ARG B 128 11.75 18.56 32.25
CA ARG B 128 11.32 19.05 33.57
C ARG B 128 11.27 20.57 33.63
N ARG B 129 12.17 21.22 32.92
CA ARG B 129 12.19 22.68 32.86
C ARG B 129 11.04 23.14 31.97
N GLN B 130 10.96 22.51 30.80
CA GLN B 130 9.97 22.87 29.80
C GLN B 130 8.53 22.62 30.29
N ALA B 131 8.39 21.58 31.11
CA ALA B 131 7.12 21.33 31.79
C ALA B 131 6.88 22.38 32.87
N ALA B 132 7.93 22.68 33.65
CA ALA B 132 7.81 23.69 34.70
C ALA B 132 7.39 25.04 34.12
N GLN B 133 7.86 25.31 32.90
CA GLN B 133 7.60 26.59 32.23
C GLN B 133 6.14 26.68 31.80
N ALA B 134 5.68 25.62 31.17
CA ALA B 134 4.31 25.55 30.66
C ALA B 134 3.29 25.62 31.81
N GLU B 135 3.62 25.08 32.97
CA GLU B 135 2.74 25.18 34.13
C GLU B 135 2.55 26.65 34.51
N SER B 136 3.67 27.39 34.57
CA SER B 136 3.67 28.81 34.92
C SER B 136 3.06 29.73 33.86
N LEU B 137 3.09 29.29 32.61
CA LEU B 137 2.57 30.11 31.52
C LEU B 137 1.09 29.85 31.26
N GLY B 138 0.55 28.78 31.83
CA GLY B 138 -0.87 28.46 31.68
C GLY B 138 -1.26 27.46 30.59
N ASP B 139 -0.27 26.71 30.10
CA ASP B 139 -0.48 25.71 29.07
C ASP B 139 -0.56 24.32 29.68
N ARG B 140 -1.75 23.94 30.17
CA ARG B 140 -1.90 22.66 30.87
C ARG B 140 -1.74 21.51 29.88
N GLY B 141 -2.20 21.72 28.65
CA GLY B 141 -2.10 20.69 27.62
C GLY B 141 -0.65 20.29 27.41
N THR B 142 0.20 21.28 27.21
CA THR B 142 1.62 21.03 27.05
C THR B 142 2.24 20.43 28.32
N ARG B 143 1.86 20.96 29.48
CA ARG B 143 2.42 20.44 30.75
C ARG B 143 2.14 18.95 30.93
N TYR B 144 0.90 18.55 30.63
CA TYR B 144 0.46 17.16 30.75
C TYR B 144 1.14 16.25 29.72
N LEU B 145 1.21 16.70 28.47
CA LEU B 145 1.90 15.94 27.43
C LEU B 145 3.32 15.62 27.87
N TYR B 146 3.98 16.62 28.46
CA TYR B 146 5.36 16.49 28.93
C TYR B 146 5.46 15.46 30.04
N GLU B 147 4.53 15.51 30.97
CA GLU B 147 4.54 14.56 32.07
C GLU B 147 4.31 13.14 31.57
N LYS B 148 3.44 12.98 30.58
CA LYS B 148 3.26 11.69 29.93
C LYS B 148 4.59 11.17 29.37
N ILE B 149 5.30 12.03 28.67
CA ILE B 149 6.55 11.68 28.02
C ILE B 149 7.65 11.46 29.05
N LEU B 150 7.64 12.27 30.11
CA LEU B 150 8.59 12.17 31.19
C LEU B 150 8.52 10.79 31.83
N LEU B 151 7.31 10.28 32.02
CA LEU B 151 7.13 9.01 32.70
C LEU B 151 7.76 7.86 31.91
N LYS B 152 7.56 7.84 30.61
CA LYS B 152 8.09 6.79 29.76
C LYS B 152 9.60 6.97 29.61
N THR B 153 10.01 8.23 29.47
CA THR B 153 11.43 8.53 29.36
C THR B 153 12.18 8.14 30.65
N GLU B 154 11.60 8.39 31.81
CA GLU B 154 12.24 7.95 33.04
C GLU B 154 12.33 6.41 33.09
N GLU B 155 11.33 5.71 32.56
CA GLU B 155 11.36 4.25 32.57
C GLU B 155 12.44 3.67 31.68
N ARG B 156 12.79 4.37 30.61
CA ARG B 156 13.82 3.83 29.73
C ARG B 156 15.18 3.95 30.47
N ALA B 157 15.29 4.99 31.30
CA ALA B 157 16.49 5.23 32.10
C ALA B 157 16.65 4.18 33.19
N TYR B 158 15.56 3.83 33.88
CA TYR B 158 15.54 2.67 34.77
C TYR B 158 16.12 1.46 34.07
N HIS B 159 15.63 1.20 32.87
CA HIS B 159 15.94 -0.03 32.17
C HIS B 159 17.38 0.04 31.71
N LEU B 160 17.76 1.22 31.20
CA LEU B 160 19.15 1.42 30.82
C LEU B 160 20.08 1.18 31.98
N SER B 161 19.72 1.73 33.15
CA SER B 161 20.57 1.66 34.33
C SER B 161 20.72 0.22 34.81
N HIS B 162 19.62 -0.53 34.72
CA HIS B 162 19.63 -1.95 35.09
C HIS B 162 20.55 -2.79 34.23
N PHE B 163 20.65 -2.45 32.96
CA PHE B 163 21.53 -3.17 32.06
C PHE B 163 22.96 -2.99 32.50
N LEU B 164 23.22 -1.83 33.10
CA LEU B 164 24.57 -1.43 33.45
C LEU B 164 25.01 -1.91 34.83
N ALA B 165 24.07 -2.37 35.64
CA ALA B 165 24.42 -2.77 37.00
C ALA B 165 25.42 -3.90 36.98
N LYS B 166 26.27 -3.94 38.00
CA LYS B 166 27.36 -4.90 38.02
C LYS B 166 26.91 -6.23 38.62
N ASP B 167 25.91 -6.84 37.99
CA ASP B 167 25.47 -8.18 38.41
C ASP B 167 25.30 -9.07 37.18
N SER B 168 25.46 -10.37 37.38
CA SER B 168 25.26 -11.34 36.31
C SER B 168 25.14 -12.76 36.85
N LEU B 169 24.39 -13.60 36.15
CA LEU B 169 24.34 -15.01 36.45
C LEU B 169 25.74 -15.65 36.37
N THR B 170 26.58 -15.10 35.49
CA THR B 170 27.89 -15.65 35.26
C THR B 170 28.82 -15.48 36.46
N LEU B 171 28.51 -14.55 37.38
CA LEU B 171 29.33 -14.36 38.57
C LEU B 171 29.47 -15.61 39.44
N GLY B 172 28.71 -16.65 39.13
CA GLY B 172 28.82 -17.90 39.88
C GLY B 172 29.81 -18.86 39.27
N PHE B 173 30.45 -18.48 38.16
CA PHE B 173 31.45 -19.35 37.53
C PHE B 173 32.50 -18.64 36.62
N VAL B 174 32.62 -17.31 36.73
CA VAL B 174 33.67 -16.59 36.02
C VAL B 174 34.34 -15.61 36.99
N GLN B 175 35.56 -15.15 36.69
CA GLN B 175 36.30 -14.31 37.64
C GLN B 175 35.90 -12.82 37.58
N ALA B 176 35.70 -12.22 38.76
CA ALA B 176 35.38 -10.80 38.89
C ALA B 176 36.60 -9.86 38.72
N ALA B 177 36.32 -8.55 38.72
CA ALA B 177 37.36 -7.51 38.63
C ALA B 177 37.86 -7.06 40.01
N THR C 1 -15.44 13.44 -22.56
CA THR C 1 -14.18 14.12 -22.90
C THR C 1 -12.97 13.45 -22.21
N LEU C 2 -11.99 13.04 -23.01
CA LEU C 2 -10.89 12.21 -22.52
C LEU C 2 -9.72 13.00 -21.98
N LEU C 3 -8.84 12.27 -21.31
CA LEU C 3 -7.61 12.79 -20.71
C LEU C 3 -6.44 11.90 -21.14
N ARG C 4 -6.75 10.62 -21.36
CA ARG C 4 -5.80 9.64 -21.85
C ARG C 4 -6.53 8.63 -22.74
N ASN C 5 -5.99 8.37 -23.93
CA ASN C 5 -6.60 7.41 -24.84
C ASN C 5 -6.06 6.00 -24.66
N PHE C 6 -6.92 5.01 -24.83
CA PHE C 6 -6.48 3.63 -24.76
C PHE C 6 -5.49 3.35 -25.88
N GLY C 7 -4.52 2.48 -25.63
CA GLY C 7 -3.50 2.17 -26.61
C GLY C 7 -2.30 3.11 -26.64
N ASN C 8 -2.41 4.24 -25.94
CA ASN C 8 -1.33 5.21 -25.87
C ASN C 8 -0.65 5.15 -24.50
N VAL C 9 0.57 5.68 -24.41
CA VAL C 9 1.32 5.66 -23.14
C VAL C 9 1.82 7.07 -22.75
N TYR C 10 1.63 7.45 -21.49
CA TYR C 10 1.89 8.83 -21.05
C TYR C 10 3.02 8.95 -20.03
N ASP C 11 3.30 10.16 -19.58
CA ASP C 11 4.43 10.41 -18.69
C ASP C 11 4.32 9.61 -17.40
N ASN C 12 5.40 8.92 -17.03
CA ASN C 12 5.50 8.30 -15.71
C ASN C 12 6.45 9.12 -14.83
N PRO C 13 6.38 8.93 -13.50
CA PRO C 13 7.29 9.65 -12.59
C PRO C 13 8.43 8.78 -12.06
N VAL C 14 8.58 7.57 -12.58
CA VAL C 14 9.60 6.69 -12.04
C VAL C 14 10.79 6.59 -12.98
N LEU C 15 10.97 7.66 -13.78
CA LEU C 15 12.16 7.84 -14.62
C LEU C 15 12.45 6.71 -15.60
N LEU C 16 11.40 6.15 -16.21
CA LEU C 16 11.58 5.12 -17.24
C LEU C 16 11.22 5.70 -18.62
N ASP C 17 12.08 5.46 -19.61
CA ASP C 17 11.83 5.88 -20.99
C ASP C 17 10.59 5.21 -21.57
N ARG C 18 9.92 5.90 -22.49
CA ARG C 18 8.66 5.42 -23.04
C ARG C 18 8.86 4.20 -23.93
N SER C 19 10.10 4.00 -24.36
CA SER C 19 10.47 2.81 -25.11
C SER C 19 10.33 1.55 -24.25
N VAL C 20 10.48 1.70 -22.93
CA VAL C 20 10.31 0.60 -21.99
C VAL C 20 8.83 0.41 -21.57
N THR C 21 8.17 1.50 -21.20
CA THR C 21 6.83 1.41 -20.63
C THR C 21 5.78 0.98 -21.67
N ALA C 22 6.00 1.32 -22.94
CA ALA C 22 5.03 0.95 -23.98
C ALA C 22 4.87 -0.58 -24.11
N PRO C 23 5.97 -1.34 -24.34
CA PRO C 23 5.72 -2.79 -24.39
C PRO C 23 5.42 -3.43 -23.03
N VAL C 24 5.88 -2.81 -21.94
CA VAL C 24 5.65 -3.36 -20.61
C VAL C 24 4.17 -3.23 -20.27
N THR C 25 3.62 -2.03 -20.46
CA THR C 25 2.21 -1.79 -20.17
C THR C 25 1.31 -2.58 -21.13
N GLU C 26 1.78 -2.78 -22.35
CA GLU C 26 0.99 -3.52 -23.31
C GLU C 26 0.93 -4.98 -22.91
N GLY C 27 2.07 -5.53 -22.50
CA GLY C 27 2.11 -6.83 -21.87
C GLY C 27 1.26 -6.92 -20.60
N PHE C 28 1.34 -5.91 -19.74
CA PHE C 28 0.49 -5.88 -18.55
C PHE C 28 -1.01 -5.97 -18.90
N ASN C 29 -1.46 -5.27 -19.94
CA ASN C 29 -2.87 -5.33 -20.31
C ASN C 29 -3.28 -6.72 -20.76
N VAL C 30 -2.41 -7.40 -21.51
CA VAL C 30 -2.64 -8.80 -21.86
C VAL C 30 -2.76 -9.67 -20.61
N VAL C 31 -1.85 -9.45 -19.64
CA VAL C 31 -1.89 -10.22 -18.41
C VAL C 31 -3.12 -9.82 -17.59
N LEU C 32 -3.39 -8.53 -17.42
CA LEU C 32 -4.63 -8.09 -16.74
C LEU C 32 -5.92 -8.68 -17.35
N ALA C 33 -6.05 -8.64 -18.68
CA ALA C 33 -7.24 -9.20 -19.35
C ALA C 33 -7.42 -10.70 -19.04
N SER C 34 -6.35 -11.47 -19.25
CA SER C 34 -6.32 -12.91 -18.99
C SER C 34 -6.73 -13.26 -17.56
N PHE C 35 -6.22 -12.51 -16.60
CA PHE C 35 -6.50 -12.80 -15.20
C PHE C 35 -7.96 -12.51 -14.87
N GLN C 36 -8.55 -11.47 -15.47
CA GLN C 36 -9.96 -11.25 -15.18
C GLN C 36 -10.78 -12.36 -15.78
N ALA C 37 -10.43 -12.77 -17.00
CA ALA C 37 -11.00 -13.97 -17.62
C ALA C 37 -10.91 -15.16 -16.66
N LEU C 38 -9.72 -15.37 -16.11
CA LEU C 38 -9.48 -16.46 -15.17
C LEU C 38 -10.26 -16.29 -13.85
N TYR C 39 -10.27 -15.06 -13.35
CA TYR C 39 -11.05 -14.74 -12.18
C TYR C 39 -12.53 -15.06 -12.42
N LEU C 40 -13.07 -14.65 -13.57
CA LEU C 40 -14.48 -14.94 -13.87
C LEU C 40 -14.73 -16.43 -13.95
N GLN C 41 -13.76 -17.16 -14.49
CA GLN C 41 -13.90 -18.59 -14.63
C GLN C 41 -13.82 -19.31 -13.28
N TYR C 42 -12.85 -18.95 -12.45
CA TYR C 42 -12.71 -19.57 -11.14
C TYR C 42 -13.97 -19.33 -10.32
N GLN C 43 -14.45 -18.10 -10.38
CA GLN C 43 -15.65 -17.69 -9.67
C GLN C 43 -16.85 -18.53 -10.13
N LYS C 44 -16.98 -18.75 -11.44
CA LYS C 44 -18.09 -19.54 -11.95
C LYS C 44 -17.99 -20.96 -11.44
N HIS C 45 -16.78 -21.51 -11.54
CA HIS C 45 -16.50 -22.82 -11.01
C HIS C 45 -16.86 -22.92 -9.53
N HIS C 46 -16.61 -21.83 -8.80
CA HIS C 46 -16.96 -21.78 -7.38
C HIS C 46 -18.47 -21.84 -7.21
N PHE C 47 -19.21 -21.17 -8.10
CA PHE C 47 -20.69 -21.18 -8.05
C PHE C 47 -21.28 -22.54 -8.41
N VAL C 48 -20.68 -23.21 -9.40
CA VAL C 48 -21.41 -24.29 -10.04
C VAL C 48 -20.93 -25.70 -9.74
N VAL C 49 -19.74 -25.82 -9.15
CA VAL C 49 -19.19 -27.15 -8.93
C VAL C 49 -20.13 -27.93 -8.01
N GLU C 50 -20.34 -29.19 -8.36
CA GLU C 50 -21.20 -30.06 -7.58
C GLU C 50 -20.64 -31.47 -7.66
N GLY C 51 -21.12 -32.35 -6.78
CA GLY C 51 -20.66 -33.73 -6.77
C GLY C 51 -19.94 -34.08 -5.49
N SER C 52 -19.19 -35.18 -5.54
CA SER C 52 -18.61 -35.74 -4.34
C SER C 52 -17.50 -34.89 -3.72
N GLU C 53 -16.79 -34.15 -4.57
CA GLU C 53 -15.63 -33.40 -4.14
C GLU C 53 -16.01 -31.92 -4.13
N PHE C 54 -17.33 -31.70 -4.17
CA PHE C 54 -17.91 -30.38 -4.22
C PHE C 54 -17.28 -29.46 -3.19
N TYR C 55 -17.34 -29.85 -1.93
CA TYR C 55 -16.88 -29.01 -0.83
C TYR C 55 -15.43 -28.55 -0.98
N SER C 56 -14.52 -29.48 -1.29
CA SER C 56 -13.10 -29.15 -1.48
C SER C 56 -12.91 -28.21 -2.68
N LEU C 57 -13.39 -28.64 -3.85
CA LEU C 57 -13.32 -27.84 -5.07
C LEU C 57 -13.92 -26.45 -4.89
N HIS C 58 -15.08 -26.40 -4.27
CA HIS C 58 -15.75 -25.17 -3.88
C HIS C 58 -14.81 -24.20 -3.14
N GLU C 59 -14.18 -24.61 -2.04
CA GLU C 59 -13.37 -23.61 -1.36
C GLU C 59 -12.02 -23.41 -2.08
N PHE C 60 -11.57 -24.37 -2.87
CA PHE C 60 -10.36 -24.16 -3.65
C PHE C 60 -10.57 -23.08 -4.75
N PHE C 61 -11.68 -23.15 -5.48
CA PHE C 61 -11.96 -22.13 -6.49
C PHE C 61 -12.08 -20.75 -5.85
N ASN C 62 -12.71 -20.70 -4.68
CA ASN C 62 -12.78 -19.49 -3.88
C ASN C 62 -11.40 -18.94 -3.49
N GLU C 63 -10.51 -19.82 -3.03
CA GLU C 63 -9.15 -19.40 -2.77
C GLU C 63 -8.50 -18.89 -4.06
N SER C 64 -8.61 -19.66 -5.13
CA SER C 64 -7.91 -19.34 -6.36
C SER C 64 -8.27 -17.95 -6.90
N TYR C 65 -9.56 -17.58 -6.91
CA TYR C 65 -9.89 -16.29 -7.51
C TYR C 65 -9.66 -15.12 -6.57
N ASN C 66 -9.56 -15.34 -5.27
CA ASN C 66 -9.11 -14.25 -4.39
C ASN C 66 -7.64 -13.94 -4.64
N GLN C 67 -6.88 -14.99 -4.92
CA GLN C 67 -5.47 -14.85 -5.23
C GLN C 67 -5.29 -14.16 -6.58
N VAL C 68 -6.08 -14.62 -7.55
CA VAL C 68 -6.07 -14.02 -8.88
C VAL C 68 -6.48 -12.55 -8.81
N GLN C 69 -7.50 -12.27 -8.00
CA GLN C 69 -7.93 -10.91 -7.76
C GLN C 69 -6.78 -10.01 -7.31
N ASP C 70 -5.91 -10.57 -6.46
CA ASP C 70 -4.81 -9.78 -5.94
C ASP C 70 -3.74 -9.54 -7.00
N HIS C 71 -3.58 -10.48 -7.92
CA HIS C 71 -2.73 -10.23 -9.09
C HIS C 71 -3.29 -9.07 -9.90
N ILE C 72 -4.61 -9.06 -10.10
CA ILE C 72 -5.26 -8.04 -10.91
C ILE C 72 -5.04 -6.66 -10.30
N HIS C 73 -5.24 -6.55 -8.99
CA HIS C 73 -4.95 -5.32 -8.28
C HIS C 73 -3.54 -4.77 -8.52
N GLU C 74 -2.50 -5.56 -8.24
CA GLU C 74 -1.10 -5.11 -8.33
C GLU C 74 -0.71 -4.73 -9.74
N ILE C 75 -1.19 -5.51 -10.69
CA ILE C 75 -0.89 -5.29 -12.10
C ILE C 75 -1.59 -4.03 -12.61
N GLY C 76 -2.88 -3.92 -12.34
CA GLY C 76 -3.61 -2.75 -12.78
C GLY C 76 -3.00 -1.46 -12.25
N GLU C 77 -2.64 -1.48 -10.97
CA GLU C 77 -2.15 -0.27 -10.35
C GLU C 77 -0.76 0.09 -10.89
N ARG C 78 0.08 -0.90 -11.14
CA ARG C 78 1.40 -0.60 -11.66
C ARG C 78 1.30 -0.16 -13.12
N LEU C 79 0.49 -0.88 -13.89
CA LEU C 79 0.24 -0.55 -15.29
C LEU C 79 -0.06 0.94 -15.45
N ASP C 80 -0.88 1.46 -14.55
CA ASP C 80 -1.29 2.86 -14.59
C ASP C 80 -0.17 3.79 -14.13
N GLY C 81 0.60 3.35 -13.14
CA GLY C 81 1.72 4.11 -12.65
C GLY C 81 2.77 4.35 -13.72
N LEU C 82 2.91 3.39 -14.63
CA LEU C 82 3.89 3.50 -15.71
C LEU C 82 3.39 4.37 -16.86
N GLY C 83 2.21 4.98 -16.68
CA GLY C 83 1.66 5.85 -17.70
C GLY C 83 0.82 5.10 -18.71
N GLY C 84 0.30 3.95 -18.32
CA GLY C 84 -0.59 3.19 -19.20
C GLY C 84 -2.07 3.36 -18.90
N VAL C 85 -2.89 2.84 -19.82
CA VAL C 85 -4.32 2.87 -19.66
C VAL C 85 -4.80 1.43 -19.61
N PRO C 86 -5.35 1.00 -18.45
CA PRO C 86 -5.75 -0.39 -18.23
C PRO C 86 -7.09 -0.76 -18.90
N VAL C 87 -7.13 -1.96 -19.46
CA VAL C 87 -8.32 -2.47 -20.12
C VAL C 87 -9.41 -2.76 -19.06
N ALA C 88 -10.66 -2.43 -19.39
CA ALA C 88 -11.78 -2.71 -18.49
C ALA C 88 -13.15 -2.96 -19.15
N THR C 89 -13.24 -2.91 -20.48
CA THR C 89 -14.52 -3.23 -21.17
C THR C 89 -14.55 -4.69 -21.61
N PHE C 90 -15.76 -5.27 -21.61
CA PHE C 90 -15.96 -6.68 -21.98
C PHE C 90 -15.38 -7.04 -23.35
N SER C 91 -15.39 -6.09 -24.30
CA SER C 91 -14.95 -6.40 -25.65
C SER C 91 -13.42 -6.40 -25.75
N LYS C 92 -12.73 -5.39 -25.22
CA LYS C 92 -11.27 -5.39 -25.30
C LYS C 92 -10.67 -6.45 -24.39
N LEU C 93 -11.38 -6.77 -23.30
CA LEU C 93 -10.94 -7.86 -22.43
C LEU C 93 -10.89 -9.17 -23.19
N ALA C 94 -11.87 -9.37 -24.06
CA ALA C 94 -12.03 -10.62 -24.79
C ALA C 94 -10.93 -10.83 -25.80
N GLU C 95 -10.43 -9.74 -26.39
CA GLU C 95 -9.44 -9.87 -27.45
C GLU C 95 -8.02 -9.78 -26.94
N LEU C 96 -7.85 -9.34 -25.69
CA LEU C 96 -6.52 -9.27 -25.09
C LEU C 96 -6.17 -10.54 -24.30
N THR C 97 -7.18 -11.28 -23.85
CA THR C 97 -6.98 -12.47 -23.04
C THR C 97 -6.26 -13.54 -23.86
N CYS C 98 -5.34 -14.26 -23.21
CA CYS C 98 -4.48 -15.19 -23.94
C CYS C 98 -4.98 -16.63 -23.92
N PHE C 99 -6.24 -16.83 -23.54
CA PHE C 99 -6.85 -18.14 -23.61
C PHE C 99 -8.37 -18.00 -23.79
N GLU C 100 -9.03 -19.06 -24.23
CA GLU C 100 -10.47 -19.06 -24.46
C GLU C 100 -11.23 -19.46 -23.19
N GLN C 101 -12.09 -18.57 -22.71
CA GLN C 101 -12.92 -18.89 -21.56
C GLN C 101 -13.78 -20.15 -21.80
N GLU C 102 -13.95 -20.94 -20.75
CA GLU C 102 -14.91 -22.03 -20.78
C GLU C 102 -16.25 -21.47 -21.26
N SER C 103 -16.89 -22.13 -22.22
CA SER C 103 -18.20 -21.69 -22.70
C SER C 103 -19.21 -21.68 -21.57
N GLU C 104 -20.32 -20.99 -21.78
CA GLU C 104 -21.36 -20.93 -20.76
C GLU C 104 -21.94 -22.30 -20.48
N GLY C 105 -22.49 -22.47 -19.28
CA GLY C 105 -23.05 -23.75 -18.92
C GLY C 105 -22.18 -24.42 -17.88
N VAL C 106 -22.71 -25.46 -17.26
CA VAL C 106 -21.97 -26.19 -16.25
C VAL C 106 -21.35 -27.45 -16.82
N TYR C 107 -20.02 -27.53 -16.73
CA TYR C 107 -19.27 -28.70 -17.10
C TYR C 107 -18.99 -29.55 -15.89
N SER C 108 -18.41 -30.73 -16.12
CA SER C 108 -18.02 -31.63 -15.05
C SER C 108 -16.88 -31.06 -14.20
N SER C 109 -16.80 -31.52 -12.96
CA SER C 109 -15.64 -31.24 -12.11
C SER C 109 -14.33 -31.40 -12.88
N ARG C 110 -14.13 -32.55 -13.51
CA ARG C 110 -12.85 -32.83 -14.11
C ARG C 110 -12.60 -31.83 -15.23
N GLN C 111 -13.67 -31.40 -15.87
CA GLN C 111 -13.52 -30.58 -17.07
C GLN C 111 -13.26 -29.15 -16.67
N MET C 112 -13.97 -28.67 -15.66
CA MET C 112 -13.64 -27.37 -15.06
C MET C 112 -12.18 -27.29 -14.63
N VAL C 113 -11.74 -28.29 -13.88
CA VAL C 113 -10.36 -28.28 -13.37
C VAL C 113 -9.42 -28.28 -14.57
N GLU C 114 -9.79 -29.05 -15.57
CA GLU C 114 -8.95 -29.11 -16.74
C GLU C 114 -8.89 -27.76 -17.47
N ASN C 115 -9.95 -26.96 -17.59
CA ASN C 115 -9.69 -25.78 -18.41
C ASN C 115 -9.10 -24.66 -17.53
N ASP C 116 -9.25 -24.76 -16.22
CA ASP C 116 -8.50 -23.87 -15.33
C ASP C 116 -6.98 -24.10 -15.47
N LEU C 117 -6.58 -25.36 -15.50
CA LEU C 117 -5.19 -25.71 -15.73
C LEU C 117 -4.68 -25.17 -17.07
N ALA C 118 -5.50 -25.28 -18.11
CA ALA C 118 -5.07 -24.80 -19.42
C ALA C 118 -4.89 -23.29 -19.38
N ALA C 119 -5.86 -22.59 -18.80
CA ALA C 119 -5.80 -21.14 -18.64
C ALA C 119 -4.50 -20.69 -17.92
N GLU C 120 -4.24 -21.27 -16.75
CA GLU C 120 -3.04 -20.93 -15.97
C GLU C 120 -1.77 -21.17 -16.81
N GLN C 121 -1.75 -22.27 -17.55
CA GLN C 121 -0.58 -22.58 -18.36
C GLN C 121 -0.35 -21.53 -19.46
N ALA C 122 -1.41 -21.07 -20.10
CA ALA C 122 -1.31 -20.00 -21.11
C ALA C 122 -0.71 -18.73 -20.48
N ILE C 123 -1.27 -18.36 -19.33
CA ILE C 123 -0.80 -17.23 -18.55
C ILE C 123 0.64 -17.40 -18.05
N ILE C 124 1.03 -18.62 -17.70
CA ILE C 124 2.41 -18.88 -17.29
C ILE C 124 3.34 -18.60 -18.47
N GLY C 125 2.86 -18.92 -19.67
CA GLY C 125 3.59 -18.62 -20.89
C GLY C 125 3.85 -17.13 -21.06
N VAL C 126 2.78 -16.35 -21.04
CA VAL C 126 2.89 -14.91 -21.24
C VAL C 126 3.77 -14.28 -20.16
N ILE C 127 3.56 -14.68 -18.92
CA ILE C 127 4.28 -14.05 -17.81
C ILE C 127 5.80 -14.26 -17.92
N ARG C 128 6.22 -15.46 -18.32
CA ARG C 128 7.65 -15.71 -18.49
C ARG C 128 8.21 -14.80 -19.58
N ARG C 129 7.47 -14.63 -20.67
CA ARG C 129 7.91 -13.75 -21.76
C ARG C 129 7.96 -12.32 -21.27
N GLN C 130 6.86 -11.86 -20.71
CA GLN C 130 6.76 -10.52 -20.18
C GLN C 130 7.83 -10.24 -19.12
N ALA C 131 8.18 -11.25 -18.32
CA ALA C 131 9.23 -11.09 -17.31
C ALA C 131 10.58 -10.91 -17.97
N ALA C 132 10.90 -11.82 -18.88
CA ALA C 132 12.12 -11.74 -19.67
C ALA C 132 12.22 -10.37 -20.32
N GLN C 133 11.15 -9.93 -20.98
CA GLN C 133 11.13 -8.62 -21.62
C GLN C 133 11.43 -7.51 -20.62
N ALA C 134 10.87 -7.58 -19.42
CA ALA C 134 11.11 -6.55 -18.43
C ALA C 134 12.55 -6.55 -17.91
N GLU C 135 13.12 -7.73 -17.67
CA GLU C 135 14.50 -7.81 -17.22
C GLU C 135 15.39 -7.22 -18.29
N SER C 136 15.20 -7.74 -19.49
CA SER C 136 15.86 -7.28 -20.69
C SER C 136 15.84 -5.75 -20.88
N LEU C 137 14.68 -5.14 -20.64
CA LEU C 137 14.50 -3.70 -20.84
C LEU C 137 14.88 -2.83 -19.64
N GLY C 138 15.31 -3.47 -18.56
CA GLY C 138 15.86 -2.75 -17.42
C GLY C 138 14.83 -2.27 -16.42
N ASP C 139 13.68 -2.93 -16.39
CA ASP C 139 12.65 -2.62 -15.42
C ASP C 139 12.61 -3.70 -14.35
N ARG C 140 13.44 -3.53 -13.32
CA ARG C 140 13.51 -4.47 -12.22
C ARG C 140 12.17 -4.62 -11.54
N GLY C 141 11.50 -3.50 -11.32
CA GLY C 141 10.25 -3.47 -10.60
C GLY C 141 9.27 -4.45 -11.20
N THR C 142 9.11 -4.35 -12.52
CA THR C 142 8.15 -5.20 -13.21
C THR C 142 8.60 -6.66 -13.21
N ARG C 143 9.86 -6.90 -13.56
CA ARG C 143 10.42 -8.25 -13.52
C ARG C 143 10.12 -8.94 -12.18
N TYR C 144 10.39 -8.24 -11.09
CA TYR C 144 10.18 -8.78 -9.78
C TYR C 144 8.69 -9.05 -9.53
N LEU C 145 7.86 -8.08 -9.90
CA LEU C 145 6.42 -8.21 -9.72
C LEU C 145 5.89 -9.43 -10.47
N TYR C 146 6.30 -9.59 -11.72
CA TYR C 146 5.93 -10.77 -12.50
C TYR C 146 6.37 -12.05 -11.80
N GLU C 147 7.51 -12.01 -11.14
CA GLU C 147 8.02 -13.21 -10.52
C GLU C 147 7.17 -13.61 -9.31
N LYS C 148 6.78 -12.64 -8.48
CA LYS C 148 5.87 -12.90 -7.36
C LYS C 148 4.65 -13.65 -7.85
N ILE C 149 4.05 -13.10 -8.90
CA ILE C 149 2.81 -13.62 -9.47
C ILE C 149 3.05 -14.97 -10.15
N LEU C 150 4.22 -15.11 -10.76
CA LEU C 150 4.57 -16.36 -11.42
C LEU C 150 4.58 -17.53 -10.43
N LEU C 151 5.19 -17.31 -9.27
CA LEU C 151 5.33 -18.35 -8.27
C LEU C 151 3.96 -18.84 -7.79
N LYS C 152 3.03 -17.93 -7.57
CA LYS C 152 1.72 -18.34 -7.09
C LYS C 152 0.91 -18.96 -8.23
N THR C 153 1.06 -18.43 -9.43
CA THR C 153 0.39 -18.98 -10.60
C THR C 153 0.77 -20.44 -10.84
N GLU C 154 2.07 -20.72 -10.88
CA GLU C 154 2.58 -22.08 -10.99
C GLU C 154 2.03 -22.98 -9.90
N GLU C 155 1.95 -22.45 -8.69
CA GLU C 155 1.45 -23.23 -7.55
C GLU C 155 -0.01 -23.68 -7.76
N ARG C 156 -0.85 -22.78 -8.27
CA ARG C 156 -2.23 -23.14 -8.58
C ARG C 156 -2.19 -24.27 -9.62
N ALA C 157 -1.27 -24.14 -10.57
CA ALA C 157 -1.15 -25.14 -11.62
C ALA C 157 -0.84 -26.51 -11.01
N TYR C 158 0.03 -26.56 -10.00
CA TYR C 158 0.32 -27.81 -9.30
C TYR C 158 -0.94 -28.37 -8.67
N HIS C 159 -1.64 -27.51 -7.96
CA HIS C 159 -2.83 -27.91 -7.20
C HIS C 159 -3.89 -28.43 -8.15
N LEU C 160 -4.13 -27.69 -9.22
CA LEU C 160 -5.05 -28.14 -10.25
C LEU C 160 -4.66 -29.54 -10.73
N SER C 161 -3.37 -29.71 -11.02
CA SER C 161 -2.89 -30.97 -11.58
C SER C 161 -3.09 -32.15 -10.64
N HIS C 162 -3.02 -31.89 -9.34
CA HIS C 162 -3.17 -32.91 -8.34
C HIS C 162 -4.61 -33.40 -8.24
N PHE C 163 -5.58 -32.51 -8.46
CA PHE C 163 -7.00 -32.89 -8.51
C PHE C 163 -7.23 -33.90 -9.65
N LEU C 164 -6.50 -33.71 -10.75
CA LEU C 164 -6.71 -34.46 -11.97
C LEU C 164 -6.10 -35.86 -11.93
N ALA C 165 -5.14 -36.06 -11.04
CA ALA C 165 -4.43 -37.34 -10.95
C ALA C 165 -5.41 -38.50 -10.76
N LYS C 166 -5.03 -39.67 -11.26
CA LYS C 166 -5.95 -40.79 -11.24
C LYS C 166 -5.66 -41.69 -10.05
N ASP C 167 -5.92 -41.16 -8.85
CA ASP C 167 -5.88 -41.93 -7.61
C ASP C 167 -7.00 -41.46 -6.70
N SER C 168 -7.57 -42.37 -5.92
CA SER C 168 -8.60 -42.01 -4.97
C SER C 168 -8.67 -43.04 -3.85
N LEU C 169 -9.15 -42.63 -2.68
CA LEU C 169 -9.39 -43.59 -1.62
C LEU C 169 -10.43 -44.61 -2.07
N THR C 170 -11.30 -44.22 -3.02
CA THR C 170 -12.36 -45.11 -3.51
C THR C 170 -11.86 -46.30 -4.34
N LEU C 171 -10.63 -46.20 -4.89
CA LEU C 171 -10.09 -47.29 -5.71
C LEU C 171 -9.97 -48.59 -4.93
N GLY C 172 -10.04 -48.51 -3.60
CA GLY C 172 -10.03 -49.68 -2.73
C GLY C 172 -11.35 -50.44 -2.69
N PHE C 173 -12.42 -49.87 -3.22
CA PHE C 173 -13.73 -50.51 -3.15
C PHE C 173 -14.71 -50.12 -4.27
N VAL C 174 -14.19 -49.57 -5.37
CA VAL C 174 -14.98 -49.36 -6.58
C VAL C 174 -14.22 -49.84 -7.82
N GLN C 175 -14.97 -50.26 -8.83
CA GLN C 175 -14.41 -50.75 -10.08
C GLN C 175 -13.59 -49.69 -10.84
N ALA C 176 -12.45 -50.09 -11.41
CA ALA C 176 -11.63 -49.17 -12.20
C ALA C 176 -11.99 -49.22 -13.69
N ALA C 177 -11.46 -48.26 -14.45
CA ALA C 177 -11.74 -48.15 -15.88
C ALA C 177 -10.98 -49.18 -16.70
N THR D 1 -18.66 -32.51 -22.62
CA THR D 1 -20.09 -32.75 -22.46
C THR D 1 -20.64 -32.07 -21.19
N LEU D 2 -21.87 -31.59 -21.24
CA LEU D 2 -22.40 -30.62 -20.25
C LEU D 2 -23.34 -31.18 -19.16
N LEU D 3 -23.30 -30.58 -17.97
CA LEU D 3 -24.20 -30.94 -16.87
C LEU D 3 -25.43 -30.02 -16.78
N ARG D 4 -25.24 -28.75 -17.14
CA ARG D 4 -26.33 -27.79 -17.21
C ARG D 4 -26.08 -26.92 -18.42
N ASN D 5 -27.10 -26.76 -19.27
CA ASN D 5 -27.00 -25.89 -20.43
C ASN D 5 -27.50 -24.49 -20.11
N PHE D 6 -26.74 -23.50 -20.59
CA PHE D 6 -27.03 -22.12 -20.27
C PHE D 6 -28.42 -21.75 -20.77
N GLY D 7 -29.08 -20.85 -20.06
CA GLY D 7 -30.41 -20.43 -20.43
C GLY D 7 -31.48 -21.33 -19.82
N ASN D 8 -31.06 -22.45 -19.26
CA ASN D 8 -31.98 -23.43 -18.69
C ASN D 8 -32.00 -23.44 -17.16
N VAL D 9 -33.15 -23.78 -16.61
CA VAL D 9 -33.40 -23.88 -15.18
C VAL D 9 -33.54 -25.35 -14.77
N TYR D 10 -32.86 -25.78 -13.72
CA TYR D 10 -32.95 -27.19 -13.34
C TYR D 10 -33.61 -27.36 -11.99
N ASP D 11 -33.56 -28.57 -11.46
CA ASP D 11 -34.16 -28.85 -10.16
C ASP D 11 -33.52 -28.04 -9.07
N ASN D 12 -34.32 -27.61 -8.12
CA ASN D 12 -33.83 -26.85 -6.98
C ASN D 12 -34.28 -27.55 -5.71
N PRO D 13 -33.44 -27.52 -4.67
CA PRO D 13 -33.73 -28.31 -3.47
C PRO D 13 -34.64 -27.59 -2.47
N VAL D 14 -35.21 -26.44 -2.86
CA VAL D 14 -35.95 -25.64 -1.89
C VAL D 14 -37.43 -25.46 -2.24
N LEU D 15 -38.00 -26.50 -2.84
CA LEU D 15 -39.45 -26.59 -3.08
C LEU D 15 -40.03 -25.38 -3.81
N LEU D 16 -39.37 -24.91 -4.86
CA LEU D 16 -39.92 -23.79 -5.62
C LEU D 16 -40.22 -24.24 -7.04
N ASP D 17 -41.43 -23.95 -7.49
CA ASP D 17 -41.83 -24.27 -8.87
C ASP D 17 -40.95 -23.50 -9.84
N ARG D 18 -40.85 -23.98 -11.07
CA ARG D 18 -40.03 -23.29 -12.03
C ARG D 18 -40.70 -22.03 -12.55
N SER D 19 -42.02 -21.92 -12.39
CA SER D 19 -42.70 -20.67 -12.65
C SER D 19 -42.14 -19.59 -11.73
N VAL D 20 -41.51 -19.99 -10.62
CA VAL D 20 -40.77 -19.02 -9.82
C VAL D 20 -39.30 -18.94 -10.23
N THR D 21 -38.61 -20.08 -10.22
CA THR D 21 -37.16 -20.07 -10.36
C THR D 21 -36.64 -19.59 -11.70
N ALA D 22 -37.40 -19.86 -12.75
CA ALA D 22 -36.95 -19.45 -14.09
C ALA D 22 -36.90 -17.92 -14.21
N PRO D 23 -38.02 -17.21 -13.91
CA PRO D 23 -37.86 -15.76 -14.00
C PRO D 23 -36.90 -15.19 -12.96
N VAL D 24 -36.83 -15.81 -11.78
CA VAL D 24 -35.97 -15.28 -10.73
C VAL D 24 -34.50 -15.38 -11.11
N THR D 25 -34.10 -16.56 -11.58
CA THR D 25 -32.71 -16.81 -11.99
C THR D 25 -32.36 -15.98 -13.21
N GLU D 26 -33.37 -15.73 -14.06
CA GLU D 26 -33.20 -14.88 -15.24
C GLU D 26 -32.86 -13.47 -14.82
N GLY D 27 -33.59 -12.98 -13.83
CA GLY D 27 -33.29 -11.67 -13.28
C GLY D 27 -31.92 -11.66 -12.64
N PHE D 28 -31.60 -12.71 -11.89
CA PHE D 28 -30.29 -12.80 -11.23
C PHE D 28 -29.14 -12.63 -12.21
N ASN D 29 -29.28 -13.23 -13.39
CA ASN D 29 -28.21 -13.16 -14.37
C ASN D 29 -28.04 -11.76 -14.93
N VAL D 30 -29.11 -10.99 -14.99
CA VAL D 30 -29.02 -9.61 -15.46
C VAL D 30 -28.34 -8.78 -14.39
N VAL D 31 -28.75 -8.98 -13.14
CA VAL D 31 -28.11 -8.33 -11.99
C VAL D 31 -26.64 -8.73 -11.88
N LEU D 32 -26.38 -10.04 -11.91
CA LEU D 32 -25.00 -10.54 -11.85
C LEU D 32 -24.13 -9.91 -12.92
N ALA D 33 -24.59 -9.91 -14.17
CA ALA D 33 -23.79 -9.35 -15.25
C ALA D 33 -23.54 -7.88 -15.03
N SER D 34 -24.59 -7.20 -14.55
CA SER D 34 -24.52 -5.78 -14.25
C SER D 34 -23.46 -5.47 -13.24
N PHE D 35 -23.37 -6.30 -12.20
CA PHE D 35 -22.41 -6.04 -11.14
C PHE D 35 -20.97 -6.37 -11.58
N GLN D 36 -20.81 -7.40 -12.41
CA GLN D 36 -19.49 -7.64 -13.02
C GLN D 36 -19.04 -6.41 -13.76
N ALA D 37 -20.00 -5.77 -14.45
CA ALA D 37 -19.68 -4.59 -15.23
C ALA D 37 -19.24 -3.47 -14.32
N LEU D 38 -19.96 -3.29 -13.21
CA LEU D 38 -19.65 -2.21 -12.28
C LEU D 38 -18.37 -2.49 -11.52
N TYR D 39 -18.19 -3.77 -11.16
CA TYR D 39 -16.99 -4.19 -10.47
C TYR D 39 -15.79 -3.80 -11.34
N LEU D 40 -15.81 -4.21 -12.59
CA LEU D 40 -14.75 -3.84 -13.52
C LEU D 40 -14.51 -2.34 -13.59
N GLN D 41 -15.61 -1.60 -13.57
CA GLN D 41 -15.54 -0.17 -13.80
C GLN D 41 -15.01 0.57 -12.58
N TYR D 42 -15.56 0.23 -11.43
CA TYR D 42 -15.06 0.70 -10.14
C TYR D 42 -13.58 0.36 -9.94
N GLN D 43 -13.20 -0.86 -10.36
CA GLN D 43 -11.83 -1.31 -10.25
C GLN D 43 -10.91 -0.48 -11.14
N LYS D 44 -11.38 -0.19 -12.34
CA LYS D 44 -10.64 0.65 -13.27
C LYS D 44 -10.41 2.02 -12.66
N HIS D 45 -11.51 2.62 -12.22
CA HIS D 45 -11.48 3.97 -11.65
C HIS D 45 -10.50 4.03 -10.50
N HIS D 46 -10.54 2.99 -9.68
CA HIS D 46 -9.53 2.80 -8.64
C HIS D 46 -8.13 2.89 -9.20
N PHE D 47 -7.86 2.15 -10.26
CA PHE D 47 -6.57 2.17 -10.93
C PHE D 47 -6.11 3.54 -11.42
N VAL D 48 -7.02 4.33 -11.99
CA VAL D 48 -6.58 5.44 -12.82
C VAL D 48 -6.87 6.84 -12.28
N VAL D 49 -7.74 6.94 -11.27
CA VAL D 49 -8.18 8.25 -10.81
C VAL D 49 -6.98 9.02 -10.28
N GLU D 50 -6.96 10.33 -10.49
CA GLU D 50 -5.87 11.18 -10.01
C GLU D 50 -6.44 12.59 -9.75
N GLY D 51 -5.61 13.51 -9.29
CA GLY D 51 -6.07 14.85 -8.93
C GLY D 51 -6.11 15.13 -7.44
N SER D 52 -6.68 16.27 -7.06
CA SER D 52 -6.69 16.72 -5.67
C SER D 52 -7.35 15.76 -4.70
N GLU D 53 -8.33 15.01 -5.17
CA GLU D 53 -9.12 14.15 -4.30
C GLU D 53 -8.79 12.70 -4.57
N PHE D 54 -7.67 12.50 -5.27
CA PHE D 54 -7.19 11.18 -5.65
C PHE D 54 -7.23 10.19 -4.52
N TYR D 55 -6.73 10.58 -3.35
CA TYR D 55 -6.62 9.67 -2.22
C TYR D 55 -7.99 9.24 -1.70
N SER D 56 -8.89 10.19 -1.46
CA SER D 56 -10.26 9.89 -1.03
C SER D 56 -10.94 8.98 -2.04
N LEU D 57 -10.85 9.37 -3.30
CA LEU D 57 -11.50 8.65 -4.39
C LEU D 57 -10.89 7.26 -4.60
N HIS D 58 -9.57 7.21 -4.56
CA HIS D 58 -8.84 5.94 -4.57
C HIS D 58 -9.44 4.93 -3.60
N GLU D 59 -9.56 5.34 -2.34
CA GLU D 59 -10.02 4.44 -1.28
C GLU D 59 -11.48 4.07 -1.54
N PHE D 60 -12.28 5.04 -1.93
CA PHE D 60 -13.71 4.81 -2.12
C PHE D 60 -13.99 3.84 -3.24
N PHE D 61 -13.28 4.01 -4.35
CA PHE D 61 -13.47 3.14 -5.50
C PHE D 61 -13.14 1.70 -5.12
N ASN D 62 -12.11 1.53 -4.27
CA ASN D 62 -11.72 0.21 -3.84
C ASN D 62 -12.74 -0.43 -2.88
N GLU D 63 -13.19 0.35 -1.91
CA GLU D 63 -14.28 -0.08 -1.04
C GLU D 63 -15.45 -0.55 -1.89
N SER D 64 -15.84 0.29 -2.85
CA SER D 64 -16.99 0.03 -3.69
C SER D 64 -16.90 -1.30 -4.44
N TYR D 65 -15.78 -1.57 -5.09
CA TYR D 65 -15.74 -2.77 -5.92
C TYR D 65 -15.60 -4.05 -5.07
N ASN D 66 -15.18 -3.90 -3.82
CA ASN D 66 -15.20 -5.04 -2.92
C ASN D 66 -16.62 -5.35 -2.46
N GLN D 67 -17.35 -4.31 -2.09
CA GLN D 67 -18.75 -4.43 -1.73
C GLN D 67 -19.53 -5.03 -2.91
N VAL D 68 -19.22 -4.62 -4.14
CA VAL D 68 -19.92 -5.17 -5.30
C VAL D 68 -19.55 -6.65 -5.44
N GLN D 69 -18.29 -6.95 -5.17
CA GLN D 69 -17.82 -8.32 -5.23
C GLN D 69 -18.64 -9.21 -4.31
N ASP D 70 -18.98 -8.71 -3.13
CA ASP D 70 -19.76 -9.50 -2.20
C ASP D 70 -21.19 -9.71 -2.73
N HIS D 71 -21.77 -8.69 -3.36
CA HIS D 71 -23.10 -8.84 -3.96
C HIS D 71 -23.11 -9.97 -4.98
N ILE D 72 -22.18 -9.88 -5.93
CA ILE D 72 -21.98 -10.91 -6.94
C ILE D 72 -21.95 -12.33 -6.35
N HIS D 73 -21.20 -12.50 -5.27
CA HIS D 73 -21.02 -13.81 -4.65
C HIS D 73 -22.32 -14.39 -4.10
N GLU D 74 -23.11 -13.58 -3.43
CA GLU D 74 -24.40 -14.02 -2.90
C GLU D 74 -25.36 -14.44 -4.03
N ILE D 75 -25.36 -13.65 -5.09
CA ILE D 75 -26.23 -13.87 -6.23
C ILE D 75 -25.86 -15.14 -6.96
N GLY D 76 -24.57 -15.25 -7.32
CA GLY D 76 -24.04 -16.43 -7.97
C GLY D 76 -24.43 -17.71 -7.27
N GLU D 77 -24.27 -17.76 -5.95
CA GLU D 77 -24.57 -18.99 -5.23
C GLU D 77 -26.07 -19.26 -5.24
N ARG D 78 -26.88 -18.24 -5.01
CA ARG D 78 -28.32 -18.41 -4.99
C ARG D 78 -28.85 -18.73 -6.38
N LEU D 79 -28.30 -18.07 -7.38
CA LEU D 79 -28.68 -18.34 -8.77
C LEU D 79 -28.52 -19.81 -9.09
N ASP D 80 -27.36 -20.35 -8.74
CA ASP D 80 -27.05 -21.75 -9.03
C ASP D 80 -27.89 -22.70 -8.18
N GLY D 81 -27.99 -22.38 -6.89
CA GLY D 81 -28.78 -23.18 -5.97
C GLY D 81 -30.24 -23.28 -6.41
N LEU D 82 -30.79 -22.20 -6.97
CA LEU D 82 -32.17 -22.18 -7.45
C LEU D 82 -32.31 -22.99 -8.73
N GLY D 83 -31.19 -23.42 -9.29
CA GLY D 83 -31.24 -24.26 -10.48
C GLY D 83 -30.90 -23.58 -11.78
N GLY D 84 -30.61 -22.29 -11.75
CA GLY D 84 -30.13 -21.61 -12.93
C GLY D 84 -28.63 -21.78 -13.16
N VAL D 85 -28.14 -21.14 -14.21
CA VAL D 85 -26.77 -21.24 -14.67
C VAL D 85 -26.15 -19.85 -14.77
N PRO D 86 -25.23 -19.51 -13.84
CA PRO D 86 -24.72 -18.14 -13.76
C PRO D 86 -23.88 -17.79 -14.98
N VAL D 87 -24.05 -16.57 -15.48
CA VAL D 87 -23.33 -16.09 -16.65
C VAL D 87 -21.86 -15.82 -16.30
N ALA D 88 -20.93 -16.05 -17.23
CA ALA D 88 -19.52 -15.80 -16.90
C ALA D 88 -18.63 -15.36 -18.08
N THR D 89 -19.11 -15.55 -19.30
CA THR D 89 -18.32 -15.16 -20.48
C THR D 89 -18.43 -13.69 -20.78
N PHE D 90 -17.34 -13.10 -21.26
CA PHE D 90 -17.27 -11.69 -21.60
C PHE D 90 -18.46 -11.27 -22.45
N SER D 91 -18.69 -11.95 -23.56
CA SER D 91 -19.71 -11.53 -24.52
C SER D 91 -21.14 -11.65 -23.97
N LYS D 92 -21.43 -12.71 -23.23
CA LYS D 92 -22.75 -12.86 -22.64
C LYS D 92 -22.96 -11.82 -21.54
N LEU D 93 -21.93 -11.56 -20.74
CA LEU D 93 -21.99 -10.52 -19.71
C LEU D 93 -22.34 -9.16 -20.33
N ALA D 94 -21.76 -8.90 -21.51
CA ALA D 94 -21.98 -7.65 -22.24
C ALA D 94 -23.42 -7.52 -22.74
N GLU D 95 -24.03 -8.65 -23.05
CA GLU D 95 -25.34 -8.66 -23.66
C GLU D 95 -26.42 -8.54 -22.60
N LEU D 96 -26.03 -8.82 -21.35
CA LEU D 96 -26.97 -8.88 -20.24
C LEU D 96 -26.85 -7.74 -19.23
N THR D 97 -25.76 -6.97 -19.30
CA THR D 97 -25.56 -5.86 -18.37
C THR D 97 -26.63 -4.78 -18.60
N CYS D 98 -27.09 -4.15 -17.52
CA CYS D 98 -28.22 -3.23 -17.62
C CYS D 98 -27.76 -1.79 -17.86
N PHE D 99 -26.47 -1.60 -17.98
CA PHE D 99 -25.94 -0.28 -18.35
C PHE D 99 -24.76 -0.48 -19.29
N GLU D 100 -24.39 0.56 -20.04
CA GLU D 100 -23.21 0.43 -20.89
C GLU D 100 -21.96 0.83 -20.10
N GLN D 101 -20.94 -0.01 -20.18
CA GLN D 101 -19.68 0.31 -19.53
C GLN D 101 -19.07 1.56 -20.13
N GLU D 102 -18.54 2.42 -19.26
CA GLU D 102 -17.67 3.53 -19.65
C GLU D 102 -16.58 3.07 -20.61
N SER D 103 -16.31 3.86 -21.63
CA SER D 103 -15.36 3.47 -22.69
C SER D 103 -13.93 3.37 -22.20
N GLU D 104 -13.07 2.72 -22.99
CA GLU D 104 -11.66 2.64 -22.66
C GLU D 104 -11.02 4.03 -22.66
N GLY D 105 -10.09 4.27 -21.75
CA GLY D 105 -9.44 5.56 -21.63
C GLY D 105 -9.68 6.09 -20.25
N VAL D 106 -8.91 7.09 -19.83
CA VAL D 106 -9.09 7.68 -18.51
C VAL D 106 -9.85 9.00 -18.63
N TYR D 107 -11.05 9.06 -18.05
CA TYR D 107 -11.80 10.31 -18.03
C TYR D 107 -11.46 11.06 -16.76
N SER D 108 -12.09 12.20 -16.57
CA SER D 108 -11.84 13.02 -15.40
C SER D 108 -12.47 12.39 -14.16
N SER D 109 -12.06 12.87 -12.98
CA SER D 109 -12.65 12.45 -11.71
C SER D 109 -14.17 12.59 -11.71
N ARG D 110 -14.64 13.77 -12.09
CA ARG D 110 -16.07 14.06 -12.10
C ARG D 110 -16.83 13.14 -13.06
N GLN D 111 -16.31 12.99 -14.28
CA GLN D 111 -16.91 12.12 -15.27
C GLN D 111 -17.01 10.68 -14.74
N MET D 112 -15.95 10.21 -14.09
CA MET D 112 -15.92 8.85 -13.54
C MET D 112 -17.01 8.63 -12.49
N VAL D 113 -17.06 9.51 -11.51
CA VAL D 113 -18.13 9.48 -10.52
C VAL D 113 -19.53 9.55 -11.16
N GLU D 114 -19.73 10.43 -12.15
CA GLU D 114 -21.01 10.50 -12.86
C GLU D 114 -21.34 9.14 -13.47
N ASN D 115 -20.39 8.54 -14.19
CA ASN D 115 -20.61 7.26 -14.84
C ASN D 115 -20.96 6.12 -13.85
N ASP D 116 -20.39 6.18 -12.65
CA ASP D 116 -20.63 5.15 -11.65
C ASP D 116 -22.00 5.34 -11.01
N LEU D 117 -22.37 6.58 -10.77
CA LEU D 117 -23.70 6.92 -10.26
C LEU D 117 -24.80 6.47 -11.20
N ALA D 118 -24.62 6.72 -12.49
CA ALA D 118 -25.58 6.26 -13.49
C ALA D 118 -25.67 4.73 -13.50
N ALA D 119 -24.54 4.08 -13.25
CA ALA D 119 -24.49 2.62 -13.23
C ALA D 119 -25.33 2.07 -12.09
N GLU D 120 -25.06 2.58 -10.89
CA GLU D 120 -25.78 2.15 -9.72
C GLU D 120 -27.26 2.35 -9.94
N GLN D 121 -27.60 3.49 -10.53
CA GLN D 121 -28.99 3.88 -10.71
C GLN D 121 -29.70 2.89 -11.61
N ALA D 122 -29.07 2.54 -12.72
CA ALA D 122 -29.58 1.48 -13.58
C ALA D 122 -29.86 0.22 -12.78
N ILE D 123 -28.84 -0.23 -12.08
CA ILE D 123 -28.92 -1.44 -11.28
C ILE D 123 -30.02 -1.35 -10.24
N ILE D 124 -30.16 -0.18 -9.60
CA ILE D 124 -31.21 0.01 -8.59
C ILE D 124 -32.58 -0.22 -9.22
N GLY D 125 -32.76 0.29 -10.42
CA GLY D 125 -34.00 0.10 -11.15
C GLY D 125 -34.37 -1.35 -11.37
N VAL D 126 -33.39 -2.16 -11.78
CA VAL D 126 -33.64 -3.59 -12.02
C VAL D 126 -33.90 -4.33 -10.71
N ILE D 127 -33.13 -4.02 -9.69
CA ILE D 127 -33.24 -4.70 -8.41
C ILE D 127 -34.63 -4.51 -7.79
N ARG D 128 -35.11 -3.27 -7.81
CA ARG D 128 -36.46 -2.95 -7.33
C ARG D 128 -37.53 -3.78 -8.06
N ARG D 129 -37.40 -3.89 -9.37
CA ARG D 129 -38.34 -4.69 -10.16
C ARG D 129 -38.23 -6.18 -9.81
N GLN D 130 -36.99 -6.67 -9.70
CA GLN D 130 -36.73 -8.07 -9.41
C GLN D 130 -37.13 -8.46 -7.99
N ALA D 131 -36.92 -7.54 -7.05
CA ALA D 131 -37.45 -7.75 -5.71
C ALA D 131 -38.98 -7.87 -5.74
N ALA D 132 -39.64 -6.99 -6.49
CA ALA D 132 -41.10 -7.02 -6.55
C ALA D 132 -41.57 -8.32 -7.21
N GLN D 133 -40.85 -8.74 -8.27
CA GLN D 133 -41.17 -10.00 -8.94
C GLN D 133 -41.04 -11.19 -8.00
N ALA D 134 -39.96 -11.20 -7.22
CA ALA D 134 -39.76 -12.22 -6.20
C ALA D 134 -40.90 -12.23 -5.18
N GLU D 135 -41.30 -11.04 -4.71
CA GLU D 135 -42.36 -10.91 -3.70
C GLU D 135 -43.65 -11.54 -4.20
N SER D 136 -44.06 -11.14 -5.39
CA SER D 136 -45.28 -11.65 -6.02
C SER D 136 -45.20 -13.15 -6.28
N LEU D 137 -44.00 -13.64 -6.61
CA LEU D 137 -43.84 -15.05 -6.89
C LEU D 137 -43.68 -15.89 -5.62
N GLY D 138 -43.56 -15.25 -4.47
CA GLY D 138 -43.45 -15.95 -3.20
C GLY D 138 -42.04 -16.46 -2.81
N ASP D 139 -41.01 -16.00 -3.52
CA ASP D 139 -39.63 -16.30 -3.17
C ASP D 139 -39.14 -15.26 -2.15
N ARG D 140 -39.53 -15.38 -0.88
CA ARG D 140 -39.13 -14.37 0.10
C ARG D 140 -37.62 -14.37 0.28
N GLY D 141 -37.00 -15.53 0.12
CA GLY D 141 -35.57 -15.65 0.21
C GLY D 141 -34.87 -14.70 -0.76
N THR D 142 -35.23 -14.80 -2.03
CA THR D 142 -34.67 -13.93 -3.07
C THR D 142 -34.98 -12.44 -2.85
N ARG D 143 -36.21 -12.15 -2.43
CA ARG D 143 -36.62 -10.78 -2.14
C ARG D 143 -35.75 -10.14 -1.07
N TYR D 144 -35.58 -10.89 0.03
CA TYR D 144 -34.77 -10.48 1.17
C TYR D 144 -33.33 -10.17 0.76
N LEU D 145 -32.72 -11.07 -0.01
CA LEU D 145 -31.38 -10.87 -0.50
C LEU D 145 -31.30 -9.57 -1.32
N TYR D 146 -32.23 -9.41 -2.25
CA TYR D 146 -32.26 -8.22 -3.10
C TYR D 146 -32.33 -6.95 -2.25
N GLU D 147 -33.15 -7.00 -1.21
CA GLU D 147 -33.33 -5.85 -0.34
C GLU D 147 -32.02 -5.52 0.38
N LYS D 148 -31.34 -6.55 0.90
CA LYS D 148 -30.01 -6.41 1.49
C LYS D 148 -29.10 -5.66 0.55
N ILE D 149 -29.04 -6.14 -0.69
CA ILE D 149 -28.16 -5.55 -1.68
C ILE D 149 -28.59 -4.14 -2.09
N LEU D 150 -29.91 -3.89 -2.13
CA LEU D 150 -30.41 -2.59 -2.52
C LEU D 150 -29.91 -1.52 -1.57
N LEU D 151 -30.03 -1.81 -0.27
CA LEU D 151 -29.58 -0.86 0.74
C LEU D 151 -28.11 -0.45 0.52
N LYS D 152 -27.24 -1.43 0.30
CA LYS D 152 -25.82 -1.14 0.11
C LYS D 152 -25.61 -0.39 -1.19
N THR D 153 -26.33 -0.81 -2.22
CA THR D 153 -26.26 -0.16 -3.51
C THR D 153 -26.74 1.27 -3.42
N GLU D 154 -27.84 1.51 -2.70
CA GLU D 154 -28.36 2.88 -2.56
C GLU D 154 -27.41 3.74 -1.72
N GLU D 155 -26.67 3.12 -0.79
CA GLU D 155 -25.67 3.85 0.00
C GLU D 155 -24.49 4.30 -0.84
N ARG D 156 -24.04 3.45 -1.75
CA ARG D 156 -22.97 3.84 -2.65
C ARG D 156 -23.42 5.01 -3.53
N ALA D 157 -24.68 4.99 -3.95
CA ALA D 157 -25.18 6.08 -4.79
C ALA D 157 -25.27 7.39 -4.01
N TYR D 158 -25.64 7.31 -2.73
CA TYR D 158 -25.58 8.47 -1.85
C TYR D 158 -24.17 9.05 -1.78
N HIS D 159 -23.22 8.19 -1.45
CA HIS D 159 -21.82 8.61 -1.37
C HIS D 159 -21.38 9.22 -2.69
N LEU D 160 -21.77 8.58 -3.80
CA LEU D 160 -21.44 9.08 -5.12
C LEU D 160 -21.98 10.48 -5.38
N SER D 161 -23.23 10.76 -5.01
CA SER D 161 -23.74 12.11 -5.25
C SER D 161 -23.09 13.14 -4.28
N HIS D 162 -22.71 12.72 -3.07
CA HIS D 162 -22.03 13.66 -2.15
C HIS D 162 -20.71 14.16 -2.73
N PHE D 163 -20.00 13.30 -3.45
CA PHE D 163 -18.80 13.68 -4.19
C PHE D 163 -19.08 14.75 -5.24
N LEU D 164 -20.21 14.62 -5.90
CA LEU D 164 -20.52 15.46 -7.05
C LEU D 164 -21.13 16.79 -6.67
N ALA D 165 -21.59 16.91 -5.44
CA ALA D 165 -22.17 18.16 -4.93
C ALA D 165 -21.25 19.36 -5.18
N LYS D 166 -21.83 20.49 -5.58
CA LYS D 166 -21.04 21.67 -5.93
C LYS D 166 -20.62 22.49 -4.71
N ASP D 167 -19.91 21.84 -3.78
CA ASP D 167 -19.38 22.53 -2.60
C ASP D 167 -17.92 22.12 -2.36
N SER D 168 -17.14 23.01 -1.74
CA SER D 168 -15.75 22.73 -1.40
C SER D 168 -15.19 23.68 -0.34
N LEU D 169 -14.27 23.16 0.47
CA LEU D 169 -13.46 23.96 1.37
C LEU D 169 -12.72 25.02 0.58
N THR D 170 -12.40 24.72 -0.68
CA THR D 170 -11.61 25.64 -1.48
C THR D 170 -12.38 26.89 -1.86
N LEU D 171 -13.71 26.85 -1.81
CA LEU D 171 -14.51 28.00 -2.24
C LEU D 171 -14.23 29.24 -1.36
N GLY D 172 -13.61 29.01 -0.21
CA GLY D 172 -13.18 30.08 0.66
C GLY D 172 -12.05 30.93 0.10
N PHE D 173 -11.41 30.45 -0.95
CA PHE D 173 -10.25 31.16 -1.50
C PHE D 173 -9.98 30.92 -2.99
N VAL D 174 -10.87 30.22 -3.68
CA VAL D 174 -10.77 30.16 -5.14
C VAL D 174 -11.95 30.89 -5.78
N GLN D 175 -11.85 31.12 -7.10
CA GLN D 175 -12.85 31.85 -7.87
C GLN D 175 -13.82 30.89 -8.52
N ALA D 176 -15.10 30.95 -8.13
CA ALA D 176 -16.12 30.06 -8.68
C ALA D 176 -16.40 30.31 -10.18
N ALA D 177 -17.13 29.38 -10.80
CA ALA D 177 -17.47 29.44 -12.22
C ALA D 177 -18.15 30.76 -12.58
ZN ZN E . 15.25 -5.49 13.68
N1 EPE F . 34.12 -15.31 3.10
C2 EPE F . 34.58 -14.56 1.92
C3 EPE F . 34.14 -15.20 0.61
N4 EPE F . 34.41 -16.62 0.59
C5 EPE F . 34.06 -17.40 1.76
C6 EPE F . 34.51 -16.73 3.06
C7 EPE F . 34.61 -17.29 -0.69
C8 EPE F . 35.58 -16.52 -1.58
O8 EPE F . 36.78 -17.26 -1.78
C9 EPE F . 34.80 -14.70 4.26
C10 EPE F . 34.13 -13.40 4.66
S EPE F . 34.90 -12.63 6.12
O1S EPE F . 36.34 -12.43 5.90
O2S EPE F . 34.70 -13.44 7.32
O3S EPE F . 34.30 -11.31 6.28
ZN ZN G . -0.72 11.99 13.24
ZN ZN H . -4.95 -0.31 -4.63
ZN ZN I . -19.05 -19.11 -1.55
#